data_4MFG
#
_entry.id   4MFG
#
_cell.length_a   127.089
_cell.length_b   127.089
_cell.length_c   76.732
_cell.angle_alpha   90.00
_cell.angle_beta   90.00
_cell.angle_gamma   120.00
#
_symmetry.space_group_name_H-M   'P 63'
#
loop_
_entity.id
_entity.type
_entity.pdbx_description
1 polymer 'Putative acyltransferase'
2 non-polymer 'MAGNESIUM ION'
3 non-polymer 'NICKEL (II) ION'
4 water water
#
_entity_poly.entity_id   1
_entity_poly.type   'polypeptide(L)'
_entity_poly.pdbx_seq_one_letter_code
;SNAMIRDYLEDKPLIDESVFVAKSADVIGNVKIGKDSSIWYNAVVRGDEGPITIGENTNIQDCSIVHGDTETIIGNNVTV
GHRSIVHGCKISDNVLIGMGSIILDNAEIGEYTLIGAGTLITSNKKFPPGVLIMGSPGKVVRELTEEDKKYIDESYEWYL
EAAQNQKY
;
_entity_poly.pdbx_strand_id   A,B,C,D
#
loop_
_chem_comp.id
_chem_comp.type
_chem_comp.name
_chem_comp.formula
MG non-polymer 'MAGNESIUM ION' 'Mg 2'
NI non-polymer 'NICKEL (II) ION' 'Ni 2'
#
# COMPACT_ATOMS: atom_id res chain seq x y z
N SER A 1 23.10 -26.91 -11.56
CA SER A 1 23.76 -25.71 -11.01
C SER A 1 24.84 -26.03 -9.95
N ASN A 2 25.63 -25.01 -9.68
CA ASN A 2 26.81 -25.10 -8.82
C ASN A 2 27.08 -23.70 -8.30
N ALA A 3 28.12 -23.58 -7.50
CA ALA A 3 28.46 -22.30 -6.82
C ALA A 3 28.70 -21.18 -7.76
N MET A 4 29.38 -21.47 -8.85
CA MET A 4 29.72 -20.39 -9.80
C MET A 4 28.49 -19.91 -10.54
N ILE A 5 27.59 -20.85 -10.85
CA ILE A 5 26.32 -20.53 -11.55
C ILE A 5 25.38 -19.77 -10.61
N ARG A 6 25.35 -20.16 -9.35
CA ARG A 6 24.50 -19.44 -8.39
C ARG A 6 25.00 -18.02 -8.27
N ASP A 7 26.32 -17.80 -8.40
CA ASP A 7 26.87 -16.45 -8.25
C ASP A 7 26.56 -15.59 -9.46
N TYR A 8 26.59 -16.23 -10.61
CA TYR A 8 26.27 -15.61 -11.89
C TYR A 8 24.81 -15.14 -11.83
N LEU A 9 23.95 -16.03 -11.38
CA LEU A 9 22.52 -15.76 -11.26
C LEU A 9 22.13 -14.63 -10.31
N GLU A 10 22.90 -14.39 -9.25
N GLU A 10 22.93 -14.40 -9.28
CA GLU A 10 22.58 -13.26 -8.37
CA GLU A 10 22.68 -13.28 -8.36
C GLU A 10 22.97 -11.93 -9.03
C GLU A 10 22.94 -11.95 -9.06
N ASP A 11 23.88 -11.98 -10.01
CA ASP A 11 24.33 -10.75 -10.73
C ASP A 11 23.77 -10.57 -12.15
N LYS A 12 23.47 -11.65 -12.87
CA LYS A 12 23.01 -11.49 -14.24
C LYS A 12 21.69 -12.15 -14.54
N PRO A 13 20.65 -11.31 -14.67
CA PRO A 13 19.35 -11.75 -15.03
C PRO A 13 19.42 -12.64 -16.24
N LEU A 14 18.63 -13.71 -16.21
CA LEU A 14 18.51 -14.59 -17.35
C LEU A 14 17.37 -13.99 -18.15
N ILE A 15 17.70 -13.25 -19.19
CA ILE A 15 16.68 -12.63 -20.03
C ILE A 15 16.68 -13.28 -21.39
N ASP A 16 15.57 -13.88 -21.78
CA ASP A 16 15.52 -14.51 -23.09
C ASP A 16 15.85 -13.47 -24.17
N GLU A 17 16.56 -13.90 -25.20
CA GLU A 17 16.99 -12.99 -26.27
C GLU A 17 15.83 -12.27 -26.99
N SER A 18 14.65 -12.89 -26.98
CA SER A 18 13.49 -12.28 -27.63
C SER A 18 12.88 -11.11 -26.84
N VAL A 19 13.22 -11.00 -25.56
CA VAL A 19 12.60 -9.99 -24.68
C VAL A 19 13.01 -8.56 -24.96
N PHE A 20 12.05 -7.65 -25.02
CA PHE A 20 12.37 -6.22 -25.17
C PHE A 20 12.51 -5.56 -23.78
N VAL A 21 13.65 -4.92 -23.54
CA VAL A 21 13.83 -4.24 -22.28
C VAL A 21 14.16 -2.81 -22.55
N ALA A 22 13.25 -1.90 -22.21
CA ALA A 22 13.51 -0.49 -22.43
C ALA A 22 14.83 -0.14 -21.73
N LYS A 23 15.57 0.80 -22.32
CA LYS A 23 16.85 1.25 -21.78
C LYS A 23 16.68 1.87 -20.41
N SER A 24 15.55 2.54 -20.18
CA SER A 24 15.32 3.19 -18.86
C SER A 24 14.92 2.21 -17.77
N ALA A 25 14.61 1.00 -18.16
CA ALA A 25 14.26 0.00 -17.18
C ALA A 25 15.51 -0.52 -16.46
N ASP A 26 15.30 -1.09 -15.26
CA ASP A 26 16.35 -1.76 -14.47
C ASP A 26 15.91 -3.18 -14.16
N VAL A 27 16.67 -4.14 -14.67
CA VAL A 27 16.39 -5.55 -14.42
C VAL A 27 17.63 -5.91 -13.65
N ILE A 28 17.45 -6.23 -12.38
CA ILE A 28 18.58 -6.32 -11.47
C ILE A 28 18.53 -7.56 -10.62
N GLY A 29 19.65 -8.25 -10.48
CA GLY A 29 19.69 -9.41 -9.60
C GLY A 29 19.18 -10.70 -10.20
N ASN A 30 18.59 -11.55 -9.35
CA ASN A 30 18.13 -12.87 -9.74
C ASN A 30 16.76 -12.81 -10.36
N VAL A 31 16.77 -12.65 -11.68
CA VAL A 31 15.58 -12.47 -12.43
C VAL A 31 15.63 -13.31 -13.64
N LYS A 32 14.53 -14.00 -13.91
CA LYS A 32 14.45 -14.76 -15.10
C LYS A 32 13.25 -14.25 -15.88
N ILE A 33 13.46 -13.93 -17.16
CA ILE A 33 12.39 -13.44 -18.01
C ILE A 33 12.32 -14.25 -19.27
N GLY A 34 11.16 -14.84 -19.50
CA GLY A 34 10.96 -15.74 -20.60
C GLY A 34 10.67 -15.10 -21.93
N LYS A 35 10.56 -15.97 -22.92
CA LYS A 35 10.35 -15.63 -24.32
C LYS A 35 9.26 -14.61 -24.55
N ASP A 36 9.57 -13.63 -25.40
CA ASP A 36 8.61 -12.63 -25.90
C ASP A 36 7.93 -11.77 -24.85
N SER A 37 8.48 -11.75 -23.65
CA SER A 37 7.98 -10.87 -22.63
C SER A 37 8.62 -9.52 -22.90
N SER A 38 8.17 -8.50 -22.19
CA SER A 38 8.66 -7.17 -22.44
C SER A 38 8.67 -6.32 -21.17
N ILE A 39 9.70 -5.53 -21.02
CA ILE A 39 9.87 -4.67 -19.84
C ILE A 39 9.93 -3.22 -20.30
N TRP A 40 8.96 -2.43 -19.84
CA TRP A 40 8.80 -1.11 -20.34
C TRP A 40 9.52 -0.01 -19.57
N TYR A 41 9.34 1.21 -20.07
CA TYR A 41 10.09 2.36 -19.60
C TYR A 41 10.04 2.59 -18.14
N ASN A 42 11.24 2.75 -17.56
CA ASN A 42 11.43 2.97 -16.12
C ASN A 42 10.87 1.91 -15.18
N ALA A 43 10.52 0.75 -15.70
CA ALA A 43 10.14 -0.31 -14.80
C ALA A 43 11.38 -0.75 -14.01
N VAL A 44 11.16 -1.39 -12.87
CA VAL A 44 12.25 -1.92 -12.03
C VAL A 44 11.93 -3.32 -11.59
N VAL A 45 12.75 -4.27 -12.01
CA VAL A 45 12.52 -5.66 -11.73
C VAL A 45 13.74 -6.11 -10.93
N ARG A 46 13.60 -6.16 -9.61
CA ARG A 46 14.75 -6.38 -8.73
C ARG A 46 14.66 -7.66 -7.92
N GLY A 47 15.45 -8.66 -8.32
CA GLY A 47 15.44 -9.96 -7.64
C GLY A 47 16.60 -10.15 -6.71
N ASP A 48 16.90 -9.14 -5.91
CA ASP A 48 18.02 -9.19 -4.98
C ASP A 48 17.62 -9.72 -3.62
N GLU A 49 16.32 -9.98 -3.42
CA GLU A 49 15.83 -10.54 -2.15
C GLU A 49 15.17 -11.83 -2.61
N GLY A 50 13.87 -11.88 -2.75
CA GLY A 50 13.30 -13.06 -3.33
C GLY A 50 13.64 -13.04 -4.83
N PRO A 51 13.95 -14.21 -5.41
CA PRO A 51 14.24 -14.23 -6.84
C PRO A 51 12.94 -14.03 -7.58
N ILE A 52 13.05 -13.67 -8.84
CA ILE A 52 11.88 -13.35 -9.66
C ILE A 52 11.89 -14.16 -10.93
N THR A 53 10.70 -14.64 -11.26
CA THR A 53 10.52 -15.39 -12.45
C THR A 53 9.37 -14.80 -13.24
N ILE A 54 9.63 -14.41 -14.48
CA ILE A 54 8.58 -13.88 -15.34
C ILE A 54 8.46 -14.81 -16.52
N GLY A 55 7.24 -15.14 -16.90
CA GLY A 55 7.04 -16.11 -17.97
C GLY A 55 7.18 -15.60 -19.39
N GLU A 56 6.39 -16.18 -20.28
CA GLU A 56 6.40 -15.84 -21.69
C GLU A 56 5.25 -14.93 -22.08
N ASN A 57 5.49 -14.06 -23.05
N ASN A 57 5.50 -14.05 -23.05
CA ASN A 57 4.48 -13.12 -23.57
CA ASN A 57 4.49 -13.10 -23.55
C ASN A 57 3.92 -12.16 -22.51
C ASN A 57 3.90 -12.20 -22.48
N THR A 58 4.64 -11.99 -21.41
CA THR A 58 4.17 -11.14 -20.33
C THR A 58 4.77 -9.77 -20.37
N ASN A 59 3.92 -8.76 -20.23
CA ASN A 59 4.37 -7.41 -20.27
C ASN A 59 4.35 -6.72 -18.90
N ILE A 60 5.44 -6.04 -18.59
CA ILE A 60 5.61 -5.27 -17.36
C ILE A 60 5.66 -3.83 -17.80
N GLN A 61 4.56 -3.13 -17.60
CA GLN A 61 4.47 -1.79 -18.12
C GLN A 61 5.30 -0.75 -17.37
N ASP A 62 5.28 0.49 -17.90
CA ASP A 62 6.10 1.59 -17.43
C ASP A 62 6.01 1.81 -15.94
N CYS A 63 7.18 2.02 -15.33
CA CYS A 63 7.37 2.25 -13.90
C CYS A 63 6.80 1.17 -12.98
N SER A 64 6.48 -0.02 -13.50
CA SER A 64 6.09 -1.11 -12.59
C SER A 64 7.31 -1.56 -11.78
N ILE A 65 7.05 -2.20 -10.64
CA ILE A 65 8.10 -2.68 -9.75
C ILE A 65 7.81 -4.10 -9.35
N VAL A 66 8.80 -4.95 -9.50
CA VAL A 66 8.70 -6.33 -9.12
C VAL A 66 9.88 -6.54 -8.15
N HIS A 67 9.55 -6.96 -6.94
CA HIS A 67 10.50 -7.17 -5.84
C HIS A 67 9.82 -8.07 -4.79
N GLY A 68 10.54 -8.63 -3.83
CA GLY A 68 9.84 -9.47 -2.90
C GLY A 68 10.62 -10.02 -1.74
N ASP A 69 9.96 -10.16 -0.60
CA ASP A 69 10.57 -10.80 0.56
C ASP A 69 10.78 -12.24 0.15
N THR A 70 9.69 -12.83 -0.34
CA THR A 70 9.72 -14.18 -0.84
C THR A 70 9.78 -14.12 -2.33
N GLU A 71 9.92 -15.29 -2.92
CA GLU A 71 9.92 -15.41 -4.36
C GLU A 71 8.72 -14.75 -5.08
N THR A 72 8.95 -14.05 -6.19
CA THR A 72 7.84 -13.54 -6.99
C THR A 72 7.77 -14.32 -8.27
N ILE A 73 6.60 -14.85 -8.56
CA ILE A 73 6.37 -15.62 -9.76
C ILE A 73 5.29 -15.00 -10.63
N ILE A 74 5.65 -14.56 -11.83
CA ILE A 74 4.67 -14.04 -12.74
C ILE A 74 4.54 -14.98 -13.92
N GLY A 75 3.33 -15.41 -14.23
CA GLY A 75 3.15 -16.38 -15.29
C GLY A 75 3.21 -15.86 -16.70
N ASN A 76 2.67 -16.67 -17.63
CA ASN A 76 2.61 -16.33 -19.03
C ASN A 76 1.38 -15.50 -19.39
N ASN A 77 1.51 -14.74 -20.47
CA ASN A 77 0.41 -13.95 -21.00
C ASN A 77 -0.17 -13.01 -19.96
N VAL A 78 0.68 -12.53 -19.05
CA VAL A 78 0.27 -11.58 -18.01
C VAL A 78 0.54 -10.15 -18.45
N THR A 79 -0.39 -9.25 -18.15
CA THR A 79 -0.27 -7.82 -18.43
C THR A 79 -0.18 -7.13 -17.07
N VAL A 80 0.99 -6.59 -16.73
CA VAL A 80 1.16 -5.83 -15.50
C VAL A 80 0.98 -4.34 -15.92
N GLY A 81 -0.15 -3.77 -15.53
CA GLY A 81 -0.49 -2.40 -15.92
C GLY A 81 0.47 -1.39 -15.39
N HIS A 82 0.49 -0.22 -16.04
CA HIS A 82 1.38 0.87 -15.64
C HIS A 82 1.48 1.06 -14.14
N ARG A 83 2.69 1.27 -13.63
CA ARG A 83 2.88 1.56 -12.23
C ARG A 83 2.34 0.57 -11.22
N SER A 84 2.27 -0.69 -11.56
CA SER A 84 1.79 -1.65 -10.57
C SER A 84 2.99 -2.09 -9.76
N ILE A 85 2.73 -2.58 -8.56
CA ILE A 85 3.73 -3.19 -7.71
C ILE A 85 3.33 -4.63 -7.46
N VAL A 86 4.17 -5.55 -7.93
CA VAL A 86 3.94 -6.98 -7.77
C VAL A 86 5.03 -7.47 -6.83
N HIS A 87 4.66 -7.77 -5.60
CA HIS A 87 5.64 -8.01 -4.58
C HIS A 87 5.58 -9.33 -3.82
N GLY A 88 6.40 -10.29 -4.23
CA GLY A 88 6.47 -11.61 -3.58
C GLY A 88 5.23 -12.46 -3.75
N CYS A 89 4.41 -12.15 -4.74
CA CYS A 89 3.21 -12.91 -4.96
C CYS A 89 3.30 -13.89 -6.11
N LYS A 90 2.21 -14.63 -6.30
CA LYS A 90 2.11 -15.59 -7.39
C LYS A 90 0.97 -15.18 -8.31
N ILE A 91 1.32 -14.86 -9.56
CA ILE A 91 0.37 -14.45 -10.57
C ILE A 91 0.26 -15.54 -11.61
N SER A 92 -0.90 -16.14 -11.75
CA SER A 92 -1.07 -17.22 -12.72
C SER A 92 -1.07 -16.68 -14.14
N ASP A 93 -1.25 -17.58 -15.10
CA ASP A 93 -1.30 -17.21 -16.51
C ASP A 93 -2.55 -16.39 -16.80
N ASN A 94 -2.48 -15.60 -17.86
CA ASN A 94 -3.57 -14.76 -18.32
C ASN A 94 -4.28 -13.93 -17.27
N VAL A 95 -3.50 -13.06 -16.68
CA VAL A 95 -3.99 -12.15 -15.70
C VAL A 95 -3.66 -10.77 -16.21
N LEU A 96 -4.60 -9.86 -16.03
CA LEU A 96 -4.37 -8.50 -16.37
C LEU A 96 -4.49 -7.70 -15.06
N ILE A 97 -3.36 -7.18 -14.62
CA ILE A 97 -3.32 -6.38 -13.42
C ILE A 97 -3.55 -4.92 -13.81
N GLY A 98 -4.63 -4.34 -13.31
CA GLY A 98 -4.99 -2.94 -13.60
C GLY A 98 -3.89 -1.99 -13.15
N MET A 99 -3.69 -0.93 -13.90
CA MET A 99 -2.60 0.01 -13.67
C MET A 99 -2.71 0.54 -12.26
N GLY A 100 -1.55 0.78 -11.65
CA GLY A 100 -1.48 1.26 -10.29
C GLY A 100 -1.86 0.31 -9.17
N SER A 101 -2.00 -0.99 -9.44
CA SER A 101 -2.36 -1.94 -8.41
C SER A 101 -1.14 -2.36 -7.60
N ILE A 102 -1.40 -2.87 -6.39
CA ILE A 102 -0.34 -3.35 -5.48
C ILE A 102 -0.74 -4.72 -4.95
N ILE A 103 0.06 -5.72 -5.28
CA ILE A 103 -0.22 -7.10 -4.81
C ILE A 103 0.96 -7.58 -3.98
N LEU A 104 0.66 -7.90 -2.72
CA LEU A 104 1.69 -8.21 -1.76
C LEU A 104 2.08 -9.65 -1.61
N ASP A 105 3.07 -9.88 -0.75
CA ASP A 105 3.70 -11.19 -0.65
C ASP A 105 2.81 -12.34 -0.35
N ASN A 106 3.06 -13.45 -1.03
CA ASN A 106 2.31 -14.66 -0.82
C ASN A 106 0.89 -14.54 -1.27
N ALA A 107 0.52 -13.42 -1.86
CA ALA A 107 -0.84 -13.35 -2.37
C ALA A 107 -0.83 -14.23 -3.61
N GLU A 108 -1.99 -14.74 -3.99
CA GLU A 108 -2.08 -15.64 -5.13
C GLU A 108 -3.28 -15.30 -6.03
N ILE A 109 -3.00 -15.03 -7.31
CA ILE A 109 -4.01 -14.67 -8.28
C ILE A 109 -4.19 -15.83 -9.26
N GLY A 110 -5.41 -16.30 -9.34
CA GLY A 110 -5.78 -17.38 -10.21
C GLY A 110 -5.78 -16.97 -11.66
N GLU A 111 -5.69 -17.99 -12.51
CA GLU A 111 -5.67 -17.83 -13.93
C GLU A 111 -6.94 -17.15 -14.44
N TYR A 112 -6.81 -16.35 -15.49
CA TYR A 112 -7.96 -15.64 -16.11
C TYR A 112 -8.68 -14.73 -15.11
N THR A 113 -7.88 -13.84 -14.54
CA THR A 113 -8.33 -12.87 -13.58
C THR A 113 -8.06 -11.48 -14.15
N LEU A 114 -9.03 -10.60 -13.95
CA LEU A 114 -8.98 -9.23 -14.37
C LEU A 114 -9.02 -8.38 -13.09
N ILE A 115 -8.02 -7.52 -12.95
CA ILE A 115 -7.90 -6.71 -11.75
C ILE A 115 -8.02 -5.24 -12.12
N GLY A 116 -8.95 -4.57 -11.45
CA GLY A 116 -9.22 -3.16 -11.72
C GLY A 116 -8.06 -2.25 -11.38
N ALA A 117 -7.98 -1.10 -12.01
CA ALA A 117 -6.91 -0.12 -11.70
C ALA A 117 -6.93 0.25 -10.23
N GLY A 118 -5.76 0.44 -9.65
CA GLY A 118 -5.67 0.92 -8.28
C GLY A 118 -6.03 -0.04 -7.17
N THR A 119 -6.06 -1.34 -7.47
CA THR A 119 -6.40 -2.36 -6.50
C THR A 119 -5.25 -2.63 -5.50
N LEU A 120 -5.60 -2.89 -4.24
CA LEU A 120 -4.63 -3.18 -3.20
C LEU A 120 -4.95 -4.52 -2.58
N ILE A 121 -4.09 -5.50 -2.83
CA ILE A 121 -4.23 -6.84 -2.32
C ILE A 121 -3.13 -7.07 -1.33
N THR A 122 -3.51 -7.31 -0.09
CA THR A 122 -2.52 -7.48 0.97
C THR A 122 -1.96 -8.88 0.96
N SER A 123 -1.02 -9.16 1.86
CA SER A 123 -0.31 -10.42 1.78
C SER A 123 -1.16 -11.63 2.08
N ASN A 124 -0.74 -12.77 1.53
CA ASN A 124 -1.42 -14.04 1.73
C ASN A 124 -2.85 -14.11 1.23
N LYS A 125 -3.34 -13.04 0.58
CA LYS A 125 -4.69 -13.08 0.05
C LYS A 125 -4.71 -14.01 -1.13
N LYS A 126 -5.72 -14.88 -1.21
CA LYS A 126 -5.85 -15.84 -2.33
C LYS A 126 -7.21 -15.65 -3.02
N PHE A 127 -7.24 -15.92 -4.33
CA PHE A 127 -8.45 -15.75 -5.12
C PHE A 127 -8.64 -16.85 -6.14
N PRO A 128 -9.90 -17.23 -6.40
CA PRO A 128 -10.15 -18.25 -7.41
C PRO A 128 -9.94 -17.66 -8.80
N PRO A 129 -9.83 -18.51 -9.84
CA PRO A 129 -9.64 -18.07 -11.21
C PRO A 129 -10.93 -17.57 -11.87
N GLY A 130 -10.84 -16.83 -12.97
CA GLY A 130 -12.04 -16.40 -13.68
C GLY A 130 -12.87 -15.32 -13.02
N VAL A 131 -12.21 -14.34 -12.42
CA VAL A 131 -12.94 -13.30 -11.74
C VAL A 131 -12.45 -11.90 -12.06
N LEU A 132 -13.29 -10.95 -11.68
CA LEU A 132 -12.98 -9.54 -11.72
C LEU A 132 -12.75 -9.23 -10.26
N ILE A 133 -11.58 -8.70 -9.93
CA ILE A 133 -11.24 -8.31 -8.57
C ILE A 133 -11.06 -6.80 -8.64
N MET A 134 -11.38 -6.09 -7.56
CA MET A 134 -11.32 -4.66 -7.63
C MET A 134 -11.40 -4.00 -6.24
N GLY A 135 -10.77 -2.82 -6.10
CA GLY A 135 -10.80 -2.04 -4.85
C GLY A 135 -9.71 -2.22 -3.79
N SER A 136 -9.88 -1.50 -2.70
CA SER A 136 -8.92 -1.52 -1.61
C SER A 136 -9.71 -1.68 -0.32
N PRO A 137 -9.69 -2.88 0.26
CA PRO A 137 -8.99 -4.06 -0.17
C PRO A 137 -9.66 -4.70 -1.35
N GLY A 138 -8.87 -5.35 -2.22
CA GLY A 138 -9.41 -5.99 -3.41
C GLY A 138 -10.39 -7.13 -3.09
N LYS A 139 -11.56 -7.13 -3.75
CA LYS A 139 -12.52 -8.20 -3.56
C LYS A 139 -13.09 -8.58 -4.90
N VAL A 140 -13.63 -9.80 -4.98
CA VAL A 140 -14.21 -10.30 -6.20
C VAL A 140 -15.55 -9.63 -6.43
N VAL A 141 -15.76 -9.15 -7.65
CA VAL A 141 -16.99 -8.46 -8.04
C VAL A 141 -17.93 -9.43 -8.74
N ARG A 142 -17.35 -10.31 -9.55
CA ARG A 142 -18.12 -11.25 -10.35
C ARG A 142 -17.18 -12.15 -11.09
N GLU A 143 -17.76 -13.15 -11.74
CA GLU A 143 -16.99 -14.06 -12.55
C GLU A 143 -16.80 -13.44 -13.92
N LEU A 144 -15.75 -13.88 -14.59
CA LEU A 144 -15.36 -13.32 -15.86
C LEU A 144 -16.16 -13.96 -16.99
N THR A 145 -16.46 -13.16 -18.01
CA THR A 145 -17.19 -13.60 -19.20
C THR A 145 -16.20 -13.93 -20.32
N GLU A 146 -16.65 -14.55 -21.41
CA GLU A 146 -15.77 -14.82 -22.56
C GLU A 146 -15.24 -13.51 -23.12
N GLU A 147 -16.09 -12.49 -23.09
CA GLU A 147 -15.76 -11.16 -23.56
C GLU A 147 -14.56 -10.62 -22.76
N ASP A 148 -14.59 -10.83 -21.45
CA ASP A 148 -13.56 -10.38 -20.54
C ASP A 148 -12.21 -11.13 -20.76
N LYS A 149 -12.31 -12.44 -21.00
CA LYS A 149 -11.13 -13.25 -21.27
C LYS A 149 -10.51 -12.86 -22.61
N LYS A 150 -11.35 -12.44 -23.55
CA LYS A 150 -10.85 -12.02 -24.85
C LYS A 150 -10.03 -10.74 -24.67
N TYR A 151 -10.63 -9.77 -23.97
CA TYR A 151 -9.95 -8.52 -23.66
C TYR A 151 -8.58 -8.76 -23.03
N ILE A 152 -8.46 -9.82 -22.23
CA ILE A 152 -7.19 -10.15 -21.56
C ILE A 152 -6.16 -10.63 -22.58
N ASP A 153 -6.61 -11.42 -23.53
CA ASP A 153 -5.75 -11.91 -24.58
C ASP A 153 -5.31 -10.73 -25.48
N GLU A 154 -6.28 -9.97 -25.99
CA GLU A 154 -5.98 -8.81 -26.83
C GLU A 154 -4.92 -7.88 -26.24
N SER A 155 -4.95 -7.75 -24.92
CA SER A 155 -4.02 -6.90 -24.20
C SER A 155 -2.55 -7.36 -24.35
N TYR A 156 -2.26 -8.60 -24.00
CA TYR A 156 -0.87 -9.07 -24.09
C TYR A 156 -0.50 -9.17 -25.55
N GLU A 157 -1.46 -9.59 -26.36
CA GLU A 157 -1.22 -9.66 -27.78
C GLU A 157 -0.78 -8.30 -28.34
N TRP A 158 -1.40 -7.23 -27.88
CA TRP A 158 -1.05 -5.92 -28.38
C TRP A 158 0.36 -5.58 -28.00
N TYR A 159 0.75 -5.99 -26.78
CA TYR A 159 2.10 -5.77 -26.30
C TYR A 159 3.17 -6.58 -27.04
N LEU A 160 2.83 -7.76 -27.57
CA LEU A 160 3.79 -8.52 -28.37
C LEU A 160 4.16 -7.70 -29.57
N GLU A 161 3.14 -7.17 -30.23
CA GLU A 161 3.31 -6.32 -31.40
C GLU A 161 4.08 -5.05 -31.06
N ALA A 162 3.68 -4.36 -30.00
CA ALA A 162 4.32 -3.09 -29.67
C ALA A 162 5.77 -3.27 -29.32
N ALA A 163 6.09 -4.41 -28.69
CA ALA A 163 7.46 -4.70 -28.31
C ALA A 163 8.31 -4.90 -29.56
N GLN A 164 7.75 -5.56 -30.56
CA GLN A 164 8.49 -5.76 -31.78
C GLN A 164 8.75 -4.45 -32.50
N ASN A 165 7.79 -3.54 -32.47
CA ASN A 165 8.00 -2.21 -33.06
C ASN A 165 9.09 -1.41 -32.31
N GLN A 166 9.32 -1.75 -31.04
CA GLN A 166 10.36 -1.12 -30.23
C GLN A 166 11.70 -1.77 -30.46
N LYS A 167 11.73 -2.77 -31.34
CA LYS A 167 12.96 -3.44 -31.73
C LYS A 167 13.20 -3.22 -33.24
N TYR A 168 12.11 -3.03 -34.00
CA TYR A 168 12.20 -2.83 -35.45
C TYR A 168 11.24 -1.75 -35.97
N SER B 1 27.49 29.76 5.83
CA SER B 1 27.07 29.92 4.43
C SER B 1 27.02 31.38 3.96
N ASN B 2 27.07 31.54 2.66
CA ASN B 2 27.19 32.83 1.99
C ASN B 2 26.55 32.67 0.63
N ALA B 3 26.64 33.71 -0.18
CA ALA B 3 25.99 33.71 -1.47
C ALA B 3 26.38 32.55 -2.34
N MET B 4 27.68 32.28 -2.40
CA MET B 4 28.18 31.28 -3.32
C MET B 4 27.85 29.88 -2.85
N ILE B 5 27.88 29.69 -1.53
CA ILE B 5 27.53 28.42 -0.91
C ILE B 5 26.06 28.09 -1.10
N ARG B 6 25.20 29.08 -0.93
CA ARG B 6 23.76 28.86 -1.14
C ARG B 6 23.53 28.47 -2.60
N ASP B 7 24.31 29.05 -3.49
CA ASP B 7 24.14 28.73 -4.91
C ASP B 7 24.59 27.31 -5.16
N TYR B 8 25.71 26.94 -4.52
CA TYR B 8 26.27 25.61 -4.59
C TYR B 8 25.25 24.54 -4.10
N LEU B 9 24.69 24.79 -2.92
CA LEU B 9 23.72 23.91 -2.29
C LEU B 9 22.40 23.78 -3.05
N GLU B 10 22.05 24.81 -3.81
CA GLU B 10 20.86 24.81 -4.61
C GLU B 10 21.08 23.86 -5.81
N ASP B 11 22.33 23.67 -6.18
CA ASP B 11 22.72 22.87 -7.34
C ASP B 11 23.36 21.53 -7.03
N LYS B 12 24.02 21.40 -5.88
CA LYS B 12 24.76 20.18 -5.59
C LYS B 12 24.38 19.50 -4.30
N PRO B 13 23.64 18.39 -4.40
CA PRO B 13 23.23 17.66 -3.24
C PRO B 13 24.41 17.31 -2.36
N LEU B 14 24.28 17.54 -1.05
CA LEU B 14 25.32 17.12 -0.09
C LEU B 14 25.04 15.66 0.24
N ILE B 15 25.69 14.77 -0.51
CA ILE B 15 25.48 13.33 -0.38
C ILE B 15 26.70 12.72 0.27
N ASP B 16 26.52 12.13 1.43
CA ASP B 16 27.64 11.53 2.13
C ASP B 16 28.30 10.43 1.27
N GLU B 17 29.63 10.44 1.23
CA GLU B 17 30.45 9.52 0.43
C GLU B 17 30.01 8.05 0.57
N SER B 18 29.54 7.69 1.76
CA SER B 18 29.03 6.34 2.03
C SER B 18 27.68 5.94 1.36
N VAL B 19 26.94 6.90 0.86
CA VAL B 19 25.59 6.65 0.33
C VAL B 19 25.53 5.96 -1.04
N PHE B 20 24.81 4.85 -1.13
CA PHE B 20 24.61 4.22 -2.45
C PHE B 20 23.49 4.98 -3.18
N VAL B 21 23.78 5.40 -4.41
CA VAL B 21 22.77 6.04 -5.24
C VAL B 21 22.73 5.31 -6.57
N ALA B 22 21.63 4.61 -6.85
CA ALA B 22 21.52 3.88 -8.12
C ALA B 22 21.65 4.86 -9.28
N LYS B 23 22.26 4.40 -10.37
CA LYS B 23 22.49 5.24 -11.54
C LYS B 23 21.18 5.79 -12.08
N SER B 24 20.11 4.99 -12.04
CA SER B 24 18.80 5.50 -12.54
C SER B 24 18.07 6.47 -11.62
N ALA B 25 18.56 6.63 -10.40
CA ALA B 25 17.94 7.55 -9.44
C ALA B 25 18.35 8.98 -9.79
N ASP B 26 17.49 9.94 -9.48
CA ASP B 26 17.77 11.37 -9.73
C ASP B 26 17.74 12.06 -8.37
N VAL B 27 18.88 12.58 -7.94
CA VAL B 27 18.97 13.32 -6.68
C VAL B 27 19.34 14.70 -7.14
N ILE B 28 18.37 15.59 -7.05
CA ILE B 28 18.44 16.94 -7.64
C ILE B 28 18.28 18.05 -6.61
N GLY B 29 18.97 19.16 -6.81
CA GLY B 29 18.78 20.32 -5.96
C GLY B 29 19.33 20.25 -4.56
N ASN B 30 18.67 20.98 -3.65
CA ASN B 30 19.08 21.04 -2.26
C ASN B 30 18.67 19.80 -1.46
N VAL B 31 19.62 18.89 -1.32
CA VAL B 31 19.36 17.62 -0.70
C VAL B 31 20.55 17.23 0.10
N LYS B 32 20.34 17.00 1.38
CA LYS B 32 21.35 16.53 2.26
C LYS B 32 21.02 15.06 2.52
N ILE B 33 21.97 14.17 2.28
CA ILE B 33 21.80 12.74 2.54
C ILE B 33 22.93 12.26 3.43
N GLY B 34 22.55 11.63 4.54
CA GLY B 34 23.47 11.16 5.56
C GLY B 34 24.09 9.80 5.37
N LYS B 35 25.08 9.55 6.23
CA LYS B 35 25.89 8.33 6.28
C LYS B 35 25.12 7.05 6.16
N ASP B 36 25.59 6.21 5.24
CA ASP B 36 25.02 4.88 4.98
C ASP B 36 23.56 4.81 4.52
N SER B 37 23.01 5.91 4.03
CA SER B 37 21.67 5.86 3.50
C SER B 37 21.78 5.33 2.05
N SER B 38 20.66 5.13 1.38
CA SER B 38 20.71 4.56 0.05
C SER B 38 19.52 5.01 -0.77
N ILE B 39 19.76 5.28 -2.03
CA ILE B 39 18.74 5.76 -2.93
C ILE B 39 18.64 4.73 -4.04
N TRP B 40 17.47 4.13 -4.20
CA TRP B 40 17.28 3.00 -5.13
C TRP B 40 16.81 3.33 -6.53
N TYR B 41 16.69 2.29 -7.35
CA TYR B 41 16.40 2.45 -8.79
C TYR B 41 15.23 3.32 -9.09
N ASN B 42 15.50 4.30 -9.95
CA ASN B 42 14.51 5.24 -10.45
C ASN B 42 13.83 6.10 -9.40
N ALA B 43 14.41 6.20 -8.22
CA ALA B 43 13.87 7.13 -7.23
C ALA B 43 14.18 8.58 -7.67
N VAL B 44 13.35 9.52 -7.21
CA VAL B 44 13.55 10.95 -7.49
C VAL B 44 13.51 11.72 -6.15
N VAL B 45 14.64 12.33 -5.78
CA VAL B 45 14.78 13.13 -4.55
C VAL B 45 15.10 14.53 -5.01
N ARG B 46 14.09 15.38 -5.02
CA ARG B 46 14.22 16.68 -5.65
C ARG B 46 13.97 17.77 -4.65
N GLY B 47 15.04 18.48 -4.30
CA GLY B 47 14.96 19.56 -3.33
C GLY B 47 14.95 20.92 -3.98
N ASP B 48 14.23 21.06 -5.07
CA ASP B 48 14.22 22.34 -5.78
C ASP B 48 13.17 23.32 -5.26
N GLU B 49 12.29 22.87 -4.38
CA GLU B 49 11.28 23.76 -3.79
C GLU B 49 11.70 23.77 -2.33
N GLY B 50 11.05 22.99 -1.47
CA GLY B 50 11.51 22.89 -0.10
C GLY B 50 12.73 21.98 -0.12
N PRO B 51 13.76 22.29 0.70
CA PRO B 51 14.93 21.43 0.76
C PRO B 51 14.63 20.09 1.43
N ILE B 52 15.53 19.13 1.26
CA ILE B 52 15.35 17.80 1.74
C ILE B 52 16.52 17.35 2.57
N THR B 53 16.20 16.79 3.71
CA THR B 53 17.18 16.27 4.60
C THR B 53 16.84 14.82 4.89
N ILE B 54 17.80 13.94 4.62
CA ILE B 54 17.65 12.51 4.84
C ILE B 54 18.75 12.11 5.80
N GLY B 55 18.39 11.46 6.89
CA GLY B 55 19.34 11.06 7.92
C GLY B 55 20.28 9.93 7.52
N GLU B 56 20.64 9.12 8.52
CA GLU B 56 21.57 8.01 8.35
C GLU B 56 20.87 6.67 8.36
N ASN B 57 21.42 5.75 7.57
CA ASN B 57 20.91 4.39 7.45
C ASN B 57 19.48 4.32 6.96
N THR B 58 19.08 5.34 6.21
CA THR B 58 17.72 5.43 5.69
C THR B 58 17.71 5.03 4.23
N ASN B 59 16.71 4.24 3.87
CA ASN B 59 16.59 3.78 2.49
C ASN B 59 15.39 4.37 1.80
N ILE B 60 15.63 4.87 0.60
CA ILE B 60 14.58 5.41 -0.25
C ILE B 60 14.45 4.42 -1.39
N GLN B 61 13.42 3.62 -1.39
CA GLN B 61 13.30 2.53 -2.37
C GLN B 61 12.86 2.93 -3.77
N ASP B 62 12.92 1.95 -4.66
CA ASP B 62 12.71 2.13 -6.09
C ASP B 62 11.50 2.98 -6.43
N CYS B 63 11.73 3.96 -7.28
CA CYS B 63 10.67 4.81 -7.80
C CYS B 63 9.98 5.67 -6.78
N SER B 64 10.59 5.81 -5.59
CA SER B 64 10.03 6.69 -4.56
C SER B 64 10.38 8.12 -4.92
N ILE B 65 9.54 9.04 -4.47
CA ILE B 65 9.66 10.45 -4.78
C ILE B 65 9.66 11.30 -3.53
N VAL B 66 10.66 12.15 -3.41
CA VAL B 66 10.75 13.06 -2.26
C VAL B 66 10.83 14.42 -2.88
N HIS B 67 9.91 15.26 -2.45
CA HIS B 67 9.73 16.61 -2.96
C HIS B 67 8.89 17.34 -1.92
N GLY B 68 8.73 18.65 -2.01
CA GLY B 68 7.93 19.34 -0.98
C GLY B 68 7.72 20.83 -1.13
N ASP B 69 6.56 21.31 -0.66
CA ASP B 69 6.27 22.77 -0.66
C ASP B 69 7.18 23.39 0.37
N THR B 70 7.17 22.78 1.55
CA THR B 70 8.05 23.16 2.64
C THR B 70 9.10 22.08 2.68
N GLU B 71 10.02 22.20 3.63
CA GLU B 71 11.05 21.22 3.77
C GLU B 71 10.52 19.83 4.13
N THR B 72 11.20 18.80 3.60
CA THR B 72 10.91 17.42 3.89
C THR B 72 12.07 16.95 4.72
N ILE B 73 11.79 16.39 5.89
CA ILE B 73 12.84 15.89 6.78
C ILE B 73 12.59 14.41 7.05
N ILE B 74 13.53 13.56 6.67
CA ILE B 74 13.43 12.14 6.88
C ILE B 74 14.52 11.79 7.84
N GLY B 75 14.18 11.13 8.92
CA GLY B 75 15.15 10.79 9.96
C GLY B 75 16.13 9.68 9.65
N ASN B 76 16.74 9.18 10.70
CA ASN B 76 17.69 8.09 10.63
C ASN B 76 16.94 6.76 10.75
N ASN B 77 17.47 5.69 10.14
CA ASN B 77 16.86 4.33 10.22
C ASN B 77 15.47 4.19 9.62
N VAL B 78 15.13 5.06 8.67
CA VAL B 78 13.84 5.04 8.02
C VAL B 78 13.87 4.20 6.76
N THR B 79 12.81 3.43 6.57
CA THR B 79 12.59 2.66 5.34
C THR B 79 11.43 3.32 4.54
N VAL B 80 11.72 3.80 3.34
CA VAL B 80 10.67 4.35 2.51
C VAL B 80 10.39 3.30 1.47
N GLY B 81 9.26 2.63 1.60
CA GLY B 81 8.87 1.58 0.65
C GLY B 81 8.72 1.95 -0.81
N HIS B 82 8.83 0.94 -1.65
CA HIS B 82 8.77 1.14 -3.10
C HIS B 82 7.69 2.13 -3.54
N ARG B 83 8.05 3.06 -4.40
CA ARG B 83 7.02 3.91 -5.01
C ARG B 83 6.19 4.72 -4.02
N SER B 84 6.81 5.08 -2.89
CA SER B 84 6.12 5.92 -1.94
C SER B 84 6.39 7.36 -2.30
N ILE B 85 5.53 8.25 -1.86
CA ILE B 85 5.73 9.69 -2.01
C ILE B 85 5.78 10.33 -0.62
N VAL B 86 6.95 10.87 -0.27
CA VAL B 86 7.17 11.57 1.00
C VAL B 86 7.29 13.03 0.63
N HIS B 87 6.23 13.79 0.87
CA HIS B 87 6.12 15.14 0.35
C HIS B 87 5.96 16.26 1.38
N GLY B 88 7.08 16.85 1.76
CA GLY B 88 7.07 18.00 2.69
C GLY B 88 6.68 17.67 4.11
N CYS B 89 6.83 16.42 4.49
CA CYS B 89 6.47 15.98 5.81
C CYS B 89 7.68 15.75 6.69
N LYS B 90 7.45 15.33 7.93
CA LYS B 90 8.49 15.08 8.89
C LYS B 90 8.37 13.65 9.40
N ILE B 91 9.42 12.85 9.14
CA ILE B 91 9.45 11.43 9.49
C ILE B 91 10.54 11.20 10.50
N SER B 92 10.14 10.93 11.72
CA SER B 92 11.06 10.69 12.82
C SER B 92 11.88 9.45 12.51
N ASP B 93 12.80 9.11 13.43
CA ASP B 93 13.64 7.94 13.26
C ASP B 93 12.85 6.63 13.40
N ASN B 94 13.42 5.57 12.80
CA ASN B 94 12.90 4.20 12.81
C ASN B 94 11.44 4.05 12.35
N VAL B 95 11.12 4.65 11.22
CA VAL B 95 9.82 4.55 10.65
C VAL B 95 9.92 3.71 9.41
N LEU B 96 8.92 2.87 9.21
CA LEU B 96 8.86 2.09 8.01
C LEU B 96 7.61 2.57 7.28
N ILE B 97 7.80 3.18 6.10
CA ILE B 97 6.68 3.60 5.27
C ILE B 97 6.36 2.49 4.26
N GLY B 98 5.18 1.94 4.37
CA GLY B 98 4.70 0.87 3.45
C GLY B 98 4.68 1.30 1.99
N MET B 99 5.03 0.36 1.09
CA MET B 99 5.14 0.62 -0.32
C MET B 99 3.85 1.26 -0.86
N GLY B 100 4.05 2.21 -1.71
CA GLY B 100 2.95 2.92 -2.36
C GLY B 100 2.25 3.96 -1.53
N SER B 101 2.81 4.29 -0.36
CA SER B 101 2.14 5.25 0.52
C SER B 101 2.43 6.67 0.08
N ILE B 102 1.56 7.58 0.45
CA ILE B 102 1.72 9.00 0.16
C ILE B 102 1.54 9.71 1.48
N ILE B 103 2.52 10.55 1.82
CA ILE B 103 2.48 11.32 3.06
C ILE B 103 2.70 12.75 2.64
N LEU B 104 1.67 13.58 2.84
CA LEU B 104 1.70 14.97 2.35
C LEU B 104 2.27 15.99 3.31
N ASP B 105 2.31 17.22 2.84
CA ASP B 105 3.00 18.33 3.55
C ASP B 105 2.61 18.60 4.98
N ASN B 106 3.64 18.78 5.79
CA ASN B 106 3.49 19.09 7.21
C ASN B 106 2.91 17.96 8.06
N ALA B 107 2.87 16.75 7.54
CA ALA B 107 2.44 15.69 8.38
C ALA B 107 3.64 15.31 9.23
N GLU B 108 3.38 14.74 10.39
N GLU B 108 3.37 14.71 10.37
CA GLU B 108 4.44 14.32 11.29
CA GLU B 108 4.43 14.29 11.28
C GLU B 108 4.20 12.87 11.73
C GLU B 108 4.18 12.85 11.70
N ILE B 109 5.21 12.04 11.53
CA ILE B 109 5.16 10.65 11.87
C ILE B 109 6.16 10.49 12.95
N GLY B 110 5.70 9.95 14.05
CA GLY B 110 6.51 9.78 15.21
C GLY B 110 7.36 8.56 15.06
N GLU B 111 8.35 8.51 15.95
CA GLU B 111 9.35 7.47 16.00
C GLU B 111 8.76 6.08 16.19
N TYR B 112 9.39 5.09 15.59
CA TYR B 112 8.94 3.69 15.69
C TYR B 112 7.45 3.55 15.33
N THR B 113 7.16 3.91 14.09
CA THR B 113 5.86 3.83 13.51
C THR B 113 5.96 2.96 12.29
N LEU B 114 4.89 2.20 12.07
CA LEU B 114 4.80 1.29 10.95
C LEU B 114 3.59 1.71 10.13
N ILE B 115 3.81 1.91 8.84
CA ILE B 115 2.76 2.35 7.94
C ILE B 115 2.49 1.30 6.90
N GLY B 116 1.22 0.93 6.78
CA GLY B 116 0.83 -0.11 5.85
C GLY B 116 0.95 0.34 4.39
N ALA B 117 1.08 -0.61 3.48
CA ALA B 117 1.17 -0.32 2.05
C ALA B 117 -0.03 0.50 1.56
N GLY B 118 0.25 1.41 0.66
CA GLY B 118 -0.81 2.23 0.03
C GLY B 118 -1.57 3.19 0.91
N THR B 119 -1.00 3.53 2.07
CA THR B 119 -1.58 4.45 3.00
C THR B 119 -1.49 5.88 2.48
N LEU B 120 -2.55 6.64 2.68
CA LEU B 120 -2.62 8.04 2.24
C LEU B 120 -2.81 8.94 3.47
N ILE B 121 -1.80 9.76 3.73
CA ILE B 121 -1.78 10.69 4.85
C ILE B 121 -1.77 12.11 4.31
N THR B 122 -2.89 12.81 4.48
CA THR B 122 -3.02 14.18 3.95
C THR B 122 -2.24 15.20 4.79
N SER B 123 -2.26 16.46 4.40
CA SER B 123 -1.34 17.41 5.05
C SER B 123 -1.69 17.73 6.47
N ASN B 124 -0.66 18.10 7.23
CA ASN B 124 -0.81 18.46 8.64
C ASN B 124 -1.26 17.36 9.62
N LYS B 125 -1.39 16.13 9.15
CA LYS B 125 -1.82 15.07 10.05
C LYS B 125 -0.67 14.71 10.96
N LYS B 126 -0.91 14.67 12.27
CA LYS B 126 0.11 14.20 13.22
C LYS B 126 -0.27 12.85 13.81
N PHE B 127 0.74 12.04 14.07
CA PHE B 127 0.56 10.74 14.65
C PHE B 127 1.54 10.51 15.78
N PRO B 128 1.05 9.91 16.87
CA PRO B 128 1.94 9.64 18.00
C PRO B 128 2.92 8.55 17.60
N PRO B 129 4.04 8.44 18.32
CA PRO B 129 5.02 7.41 18.01
C PRO B 129 4.54 6.04 18.47
N GLY B 130 5.25 5.00 18.05
CA GLY B 130 4.94 3.63 18.46
C GLY B 130 3.60 3.07 18.02
N VAL B 131 3.18 3.37 16.78
CA VAL B 131 1.88 2.87 16.30
C VAL B 131 1.92 2.31 14.91
N LEU B 132 0.85 1.59 14.58
CA LEU B 132 0.61 1.04 13.23
C LEU B 132 -0.48 1.92 12.60
N ILE B 133 -0.21 2.39 11.39
CA ILE B 133 -1.11 3.26 10.65
C ILE B 133 -1.39 2.64 9.31
N MET B 134 -2.66 2.61 8.87
CA MET B 134 -3.04 2.04 7.54
C MET B 134 -4.22 2.75 6.92
N GLY B 135 -4.41 2.55 5.63
CA GLY B 135 -5.59 3.02 4.93
C GLY B 135 -5.58 4.42 4.36
N SER B 136 -6.70 4.74 3.71
CA SER B 136 -6.92 6.00 3.05
C SER B 136 -8.29 6.53 3.46
N PRO B 137 -8.33 7.45 4.41
CA PRO B 137 -7.20 8.08 5.04
C PRO B 137 -6.54 7.23 6.09
N GLY B 138 -5.23 7.44 6.24
CA GLY B 138 -4.45 6.68 7.18
C GLY B 138 -4.86 6.92 8.64
N LYS B 139 -5.14 5.84 9.35
N LYS B 139 -5.17 5.86 9.36
CA LYS B 139 -5.54 5.90 10.75
CA LYS B 139 -5.46 5.98 10.77
C LYS B 139 -4.78 4.86 11.56
C LYS B 139 -4.79 4.87 11.57
N VAL B 140 -4.67 5.13 12.86
CA VAL B 140 -4.02 4.22 13.79
C VAL B 140 -4.81 2.95 14.07
N VAL B 141 -4.14 1.80 13.87
CA VAL B 141 -4.74 0.47 14.08
C VAL B 141 -4.52 -0.05 15.48
N ARG B 142 -3.30 0.09 15.99
CA ARG B 142 -2.91 -0.37 17.33
C ARG B 142 -1.50 0.12 17.66
N GLU B 143 -1.11 0.02 18.92
CA GLU B 143 0.24 0.40 19.30
C GLU B 143 1.16 -0.72 18.82
N LEU B 144 2.43 -0.40 18.64
CA LEU B 144 3.37 -1.35 18.09
C LEU B 144 3.94 -2.29 19.16
N THR B 145 4.19 -3.54 18.79
CA THR B 145 4.81 -4.50 19.73
C THR B 145 6.32 -4.45 19.56
N GLU B 146 7.05 -5.08 20.48
CA GLU B 146 8.51 -5.13 20.37
C GLU B 146 8.87 -5.87 19.09
N GLU B 147 8.07 -6.88 18.75
CA GLU B 147 8.30 -7.62 17.51
C GLU B 147 8.15 -6.73 16.26
N ASP B 148 7.25 -5.76 16.33
CA ASP B 148 7.01 -4.83 15.24
C ASP B 148 8.19 -3.85 15.13
N LYS B 149 8.67 -3.36 16.28
CA LYS B 149 9.80 -2.42 16.25
C LYS B 149 11.07 -3.11 15.72
N LYS B 150 11.17 -4.41 15.98
CA LYS B 150 12.24 -5.22 15.45
C LYS B 150 12.17 -5.29 13.91
N TYR B 151 11.01 -5.66 13.40
CA TYR B 151 10.78 -5.76 11.96
C TYR B 151 11.27 -4.49 11.29
N ILE B 152 10.99 -3.36 11.93
CA ILE B 152 11.42 -2.06 11.46
C ILE B 152 12.95 -1.99 11.42
N ASP B 153 13.59 -2.54 12.45
CA ASP B 153 15.02 -2.56 12.53
C ASP B 153 15.63 -3.49 11.47
N GLU B 154 15.07 -4.69 11.30
CA GLU B 154 15.57 -5.64 10.28
C GLU B 154 15.46 -5.05 8.85
N SER B 155 14.43 -4.27 8.59
CA SER B 155 14.25 -3.70 7.27
C SER B 155 15.37 -2.75 6.88
N TYR B 156 15.81 -1.90 7.81
CA TYR B 156 16.83 -0.92 7.44
C TYR B 156 18.18 -1.56 7.44
N GLU B 157 18.31 -2.59 8.27
CA GLU B 157 19.53 -3.37 8.34
C GLU B 157 19.76 -4.14 7.02
N TRP B 158 18.69 -4.75 6.53
CA TRP B 158 18.76 -5.49 5.28
C TRP B 158 19.27 -4.57 4.22
N TYR B 159 18.71 -3.37 4.18
CA TYR B 159 19.10 -2.38 3.19
C TYR B 159 20.54 -1.88 3.30
N LEU B 160 21.07 -1.85 4.52
CA LEU B 160 22.48 -1.52 4.72
C LEU B 160 23.33 -2.54 3.94
N GLU B 161 22.96 -3.81 4.10
CA GLU B 161 23.64 -4.94 3.47
C GLU B 161 23.45 -4.95 1.94
N ALA B 162 22.22 -4.96 1.46
CA ALA B 162 22.01 -4.99 0.02
C ALA B 162 22.69 -3.81 -0.66
N ALA B 163 22.77 -2.68 0.03
CA ALA B 163 23.41 -1.49 -0.52
C ALA B 163 24.91 -1.73 -0.83
N GLN B 164 25.60 -2.51 0.00
CA GLN B 164 26.99 -2.81 -0.28
C GLN B 164 27.09 -3.64 -1.55
N ASN B 165 26.34 -4.74 -1.59
CA ASN B 165 26.38 -5.65 -2.74
C ASN B 165 26.18 -4.93 -4.09
N GLN B 166 25.28 -3.96 -4.15
CA GLN B 166 25.00 -3.23 -5.39
C GLN B 166 26.14 -2.33 -5.87
N LYS B 167 27.32 -2.47 -5.27
CA LYS B 167 28.55 -1.79 -5.76
C LYS B 167 29.89 -2.38 -5.25
N TYR B 168 29.83 -3.52 -4.57
CA TYR B 168 31.01 -4.27 -4.11
C TYR B 168 30.97 -5.75 -4.51
N SER C 1 -0.58 15.71 -44.42
CA SER C 1 0.18 14.52 -44.03
C SER C 1 0.10 13.38 -45.03
N ASN C 2 1.09 12.51 -44.95
CA ASN C 2 1.26 11.45 -45.90
C ASN C 2 1.90 10.27 -45.17
N ALA C 3 2.15 9.21 -45.91
CA ALA C 3 2.70 7.98 -45.38
C ALA C 3 3.98 8.18 -44.65
N MET C 4 4.89 8.94 -45.25
CA MET C 4 6.18 9.15 -44.60
C MET C 4 6.05 10.00 -43.32
N ILE C 5 5.12 10.95 -43.32
CA ILE C 5 4.92 11.84 -42.17
C ILE C 5 4.26 11.07 -41.04
N ARG C 6 3.32 10.22 -41.39
CA ARG C 6 2.66 9.39 -40.40
C ARG C 6 3.71 8.52 -39.75
N ASP C 7 4.67 8.04 -40.54
CA ASP C 7 5.67 7.15 -39.96
C ASP C 7 6.62 7.90 -39.04
N TYR C 8 6.97 9.12 -39.42
CA TYR C 8 7.83 9.99 -38.64
C TYR C 8 7.16 10.32 -37.30
N LEU C 9 5.87 10.67 -37.36
CA LEU C 9 5.09 11.03 -36.18
C LEU C 9 4.90 9.88 -35.20
N GLU C 10 4.96 8.66 -35.69
N GLU C 10 4.93 8.65 -35.67
CA GLU C 10 4.82 7.47 -34.88
CA GLU C 10 4.85 7.49 -34.80
C GLU C 10 6.14 7.20 -34.15
C GLU C 10 6.15 7.33 -34.05
N ASP C 11 7.25 7.74 -34.67
CA ASP C 11 8.59 7.57 -34.09
C ASP C 11 9.18 8.79 -33.39
N LYS C 12 8.77 10.00 -33.81
CA LYS C 12 9.38 11.22 -33.28
C LYS C 12 8.42 12.24 -32.72
N PRO C 13 8.40 12.34 -31.38
CA PRO C 13 7.61 13.31 -30.69
C PRO C 13 7.84 14.72 -31.19
N LEU C 14 6.77 15.48 -31.31
CA LEU C 14 6.83 16.91 -31.66
C LEU C 14 6.92 17.69 -30.36
N ILE C 15 8.13 17.97 -29.94
CA ILE C 15 8.35 18.67 -28.69
C ILE C 15 8.79 20.07 -29.02
N ASP C 16 8.03 21.06 -28.56
CA ASP C 16 8.39 22.45 -28.78
C ASP C 16 9.77 22.70 -28.19
N GLU C 17 10.62 23.42 -28.94
CA GLU C 17 12.00 23.73 -28.53
C GLU C 17 12.07 24.31 -27.13
N SER C 18 10.96 24.90 -26.71
CA SER C 18 10.85 25.55 -25.43
C SER C 18 10.75 24.59 -24.21
N VAL C 19 10.30 23.38 -24.47
CA VAL C 19 10.03 22.42 -23.41
C VAL C 19 11.23 21.78 -22.73
N PHE C 20 11.26 21.84 -21.40
CA PHE C 20 12.30 21.16 -20.63
C PHE C 20 11.87 19.72 -20.48
N VAL C 21 12.77 18.80 -20.82
CA VAL C 21 12.53 17.40 -20.66
C VAL C 21 13.71 16.83 -19.92
N ALA C 22 13.50 16.43 -18.67
CA ALA C 22 14.59 15.81 -17.93
C ALA C 22 15.16 14.64 -18.72
N LYS C 23 16.47 14.43 -18.56
CA LYS C 23 17.15 13.31 -19.23
C LYS C 23 16.57 11.98 -18.88
N SER C 24 16.08 11.80 -17.65
CA SER C 24 15.53 10.50 -17.23
C SER C 24 14.11 10.24 -17.70
N ALA C 25 13.47 11.26 -18.23
CA ALA C 25 12.11 11.11 -18.76
C ALA C 25 12.15 10.37 -20.09
N ASP C 26 11.09 9.61 -20.40
CA ASP C 26 10.96 8.96 -21.70
C ASP C 26 9.76 9.59 -22.41
N VAL C 27 9.97 10.22 -23.56
CA VAL C 27 8.88 10.76 -24.37
C VAL C 27 8.94 9.94 -25.63
N ILE C 28 7.93 9.09 -25.82
CA ILE C 28 7.95 8.07 -26.84
C ILE C 28 6.76 8.11 -27.78
N GLY C 29 7.02 7.88 -29.06
CA GLY C 29 5.94 7.75 -30.01
C GLY C 29 5.25 9.03 -30.41
N ASN C 30 3.95 8.93 -30.63
CA ASN C 30 3.13 10.03 -31.14
C ASN C 30 2.69 10.97 -30.02
N VAL C 31 3.54 11.92 -29.73
CA VAL C 31 3.35 12.85 -28.65
C VAL C 31 3.60 14.25 -29.13
N LYS C 32 2.71 15.16 -28.79
N LYS C 32 2.70 15.16 -28.80
CA LYS C 32 2.91 16.55 -29.13
CA LYS C 32 2.84 16.56 -29.15
C LYS C 32 2.91 17.33 -27.82
C LYS C 32 2.90 17.35 -27.82
N ILE C 33 3.96 18.11 -27.60
CA ILE C 33 4.12 18.92 -26.37
C ILE C 33 4.36 20.38 -26.68
N GLY C 34 3.45 21.21 -26.19
CA GLY C 34 3.47 22.65 -26.46
C GLY C 34 4.43 23.54 -25.70
N LYS C 35 4.49 24.77 -26.17
CA LYS C 35 5.36 25.82 -25.65
C LYS C 35 5.39 25.94 -24.13
N ASP C 36 6.59 25.91 -23.56
CA ASP C 36 6.80 26.15 -22.11
C ASP C 36 6.28 25.09 -21.14
N SER C 37 5.88 23.94 -21.67
CA SER C 37 5.51 22.82 -20.81
C SER C 37 6.79 22.16 -20.30
N SER C 38 6.68 21.13 -19.47
CA SER C 38 7.87 20.52 -18.93
C SER C 38 7.62 19.09 -18.50
N ILE C 39 8.57 18.22 -18.82
CA ILE C 39 8.46 16.81 -18.47
C ILE C 39 9.54 16.52 -17.45
N TRP C 40 9.14 16.05 -16.28
CA TRP C 40 10.09 15.90 -15.19
C TRP C 40 10.67 14.52 -15.05
N TYR C 41 11.57 14.39 -14.09
CA TYR C 41 12.35 13.18 -13.88
C TYR C 41 11.57 11.89 -13.83
N ASN C 42 12.02 10.96 -14.67
CA ASN C 42 11.46 9.60 -14.79
C ASN C 42 9.99 9.51 -15.19
N ALA C 43 9.45 10.58 -15.76
CA ALA C 43 8.12 10.51 -16.30
C ALA C 43 8.18 9.71 -17.62
N VAL C 44 7.06 9.09 -17.98
CA VAL C 44 6.90 8.39 -19.23
C VAL C 44 5.67 8.89 -19.96
N VAL C 45 5.89 9.49 -21.12
CA VAL C 45 4.83 9.96 -21.99
C VAL C 45 4.91 9.11 -23.26
N ARG C 46 4.06 8.10 -23.33
CA ARG C 46 4.09 7.12 -24.40
C ARG C 46 2.82 7.15 -25.28
N GLY C 47 2.98 7.57 -26.54
CA GLY C 47 1.89 7.66 -27.49
C GLY C 47 1.99 6.63 -28.59
N ASP C 48 2.24 5.38 -28.20
CA ASP C 48 2.34 4.30 -29.16
C ASP C 48 1.01 3.59 -29.38
N GLU C 49 -0.01 3.96 -28.60
CA GLU C 49 -1.33 3.39 -28.79
C GLU C 49 -2.16 4.62 -29.15
N GLY C 50 -2.87 5.22 -28.22
CA GLY C 50 -3.56 6.45 -28.55
C GLY C 50 -2.50 7.54 -28.58
N PRO C 51 -2.68 8.55 -29.43
CA PRO C 51 -1.74 9.65 -29.44
C PRO C 51 -1.94 10.59 -28.24
N ILE C 52 -0.93 11.38 -27.98
CA ILE C 52 -0.93 12.29 -26.87
C ILE C 52 -0.68 13.69 -27.29
N THR C 53 -1.44 14.59 -26.71
CA THR C 53 -1.30 16.00 -26.94
C THR C 53 -1.27 16.72 -25.61
N ILE C 54 -0.21 17.48 -25.38
CA ILE C 54 -0.03 18.26 -24.15
C ILE C 54 0.11 19.74 -24.54
N GLY C 55 -0.72 20.60 -23.95
CA GLY C 55 -0.70 22.04 -24.29
C GLY C 55 0.52 22.87 -23.89
N GLU C 56 0.28 24.14 -23.58
N GLU C 56 0.28 24.13 -23.58
CA GLU C 56 1.32 25.10 -23.19
CA GLU C 56 1.30 25.10 -23.17
C GLU C 56 1.34 25.37 -21.68
C GLU C 56 1.33 25.36 -21.66
N ASN C 57 2.53 25.57 -21.13
CA ASN C 57 2.74 25.86 -19.68
C ASN C 57 2.34 24.74 -18.72
N THR C 58 2.21 23.54 -19.27
CA THR C 58 1.78 22.36 -18.49
C THR C 58 2.96 21.54 -18.03
N ASN C 59 2.93 21.09 -16.78
CA ASN C 59 3.98 20.30 -16.23
C ASN C 59 3.54 18.91 -15.91
N ILE C 60 4.38 17.94 -16.29
CA ILE C 60 4.16 16.52 -16.05
C ILE C 60 5.24 16.13 -15.04
N GLN C 61 4.87 16.03 -13.77
CA GLN C 61 5.85 15.83 -12.73
C GLN C 61 6.47 14.44 -12.70
N ASP C 62 7.47 14.28 -11.84
CA ASP C 62 8.25 13.06 -11.73
C ASP C 62 7.47 11.77 -11.66
N CYS C 63 7.94 10.80 -12.43
CA CYS C 63 7.36 9.46 -12.51
C CYS C 63 5.91 9.40 -12.95
N SER C 64 5.40 10.51 -13.50
CA SER C 64 4.02 10.51 -14.04
C SER C 64 4.04 9.76 -15.36
N ILE C 65 2.94 9.11 -15.67
CA ILE C 65 2.80 8.35 -16.91
C ILE C 65 1.62 8.87 -17.70
N VAL C 66 1.80 8.96 -19.02
CA VAL C 66 0.75 9.32 -19.95
C VAL C 66 0.77 8.25 -21.02
N HIS C 67 -0.40 7.64 -21.21
CA HIS C 67 -0.57 6.54 -22.14
C HIS C 67 -2.08 6.39 -22.40
N GLY C 68 -2.51 5.55 -23.33
CA GLY C 68 -3.96 5.47 -23.56
C GLY C 68 -4.46 4.56 -24.64
N ASP C 69 -5.63 3.94 -24.40
CA ASP C 69 -6.27 3.06 -25.39
C ASP C 69 -6.67 3.93 -26.56
N THR C 70 -7.27 5.05 -26.19
CA THR C 70 -7.70 6.05 -27.13
C THR C 70 -6.80 7.22 -26.90
N GLU C 71 -7.06 8.29 -27.64
CA GLU C 71 -6.34 9.53 -27.52
C GLU C 71 -6.31 10.16 -26.10
N THR C 72 -5.19 10.77 -25.70
CA THR C 72 -5.09 11.51 -24.42
C THR C 72 -4.83 13.00 -24.70
N ILE C 73 -5.67 13.88 -24.17
CA ILE C 73 -5.48 15.35 -24.37
C ILE C 73 -5.29 16.10 -23.05
N ILE C 74 -4.18 16.82 -22.93
CA ILE C 74 -3.96 17.60 -21.74
C ILE C 74 -3.86 19.05 -22.15
N GLY C 75 -4.69 19.90 -21.57
CA GLY C 75 -4.68 21.31 -21.94
C GLY C 75 -3.49 22.09 -21.44
N ASN C 76 -3.66 23.41 -21.46
CA ASN C 76 -2.70 24.39 -21.01
C ASN C 76 -2.77 24.71 -19.53
N ASN C 77 -1.68 25.19 -18.95
CA ASN C 77 -1.64 25.56 -17.56
C ASN C 77 -2.03 24.44 -16.60
N VAL C 78 -1.83 23.19 -17.01
CA VAL C 78 -2.16 22.05 -16.16
C VAL C 78 -0.95 21.63 -15.35
N THR C 79 -1.17 21.21 -14.12
CA THR C 79 -0.12 20.66 -13.24
C THR C 79 -0.46 19.19 -13.01
N VAL C 80 0.40 18.30 -13.49
CA VAL C 80 0.16 16.88 -13.29
C VAL C 80 1.09 16.41 -12.17
N GLY C 81 0.52 16.26 -10.97
CA GLY C 81 1.28 15.90 -9.79
C GLY C 81 2.09 14.63 -9.88
N HIS C 82 3.12 14.55 -9.04
CA HIS C 82 4.00 13.44 -9.01
C HIS C 82 3.32 12.06 -9.10
N ARG C 83 3.89 11.17 -9.89
CA ARG C 83 3.37 9.78 -10.02
C ARG C 83 1.90 9.65 -10.40
N SER C 84 1.36 10.58 -11.17
CA SER C 84 -0.05 10.45 -11.59
C SER C 84 -0.08 9.64 -12.87
N ILE C 85 -1.19 8.99 -13.13
CA ILE C 85 -1.37 8.34 -14.41
C ILE C 85 -2.53 9.05 -15.08
N VAL C 86 -2.24 9.67 -16.24
CA VAL C 86 -3.25 10.35 -17.04
C VAL C 86 -3.44 9.43 -18.26
N HIS C 87 -4.49 8.62 -18.26
CA HIS C 87 -4.64 7.54 -19.23
C HIS C 87 -5.82 7.60 -20.19
N GLY C 88 -5.59 8.16 -21.35
CA GLY C 88 -6.63 8.21 -22.39
C GLY C 88 -7.81 9.11 -22.09
N CYS C 89 -7.57 10.10 -21.23
CA CYS C 89 -8.62 11.03 -20.84
C CYS C 89 -8.46 12.43 -21.45
N LYS C 90 -9.43 13.30 -21.16
N LYS C 90 -9.38 13.30 -21.08
CA LYS C 90 -9.42 14.69 -21.64
CA LYS C 90 -9.41 14.65 -21.61
C LYS C 90 -9.40 15.63 -20.45
C LYS C 90 -9.39 15.63 -20.44
N ILE C 91 -8.28 16.37 -20.33
CA ILE C 91 -8.05 17.30 -19.22
C ILE C 91 -8.05 18.69 -19.75
N SER C 92 -8.95 19.52 -19.25
CA SER C 92 -9.03 20.91 -19.71
C SER C 92 -7.89 21.76 -19.14
N ASP C 93 -7.94 23.04 -19.50
CA ASP C 93 -6.97 24.05 -19.05
C ASP C 93 -7.10 24.40 -17.54
N ASN C 94 -5.98 24.78 -16.95
CA ASN C 94 -5.88 25.14 -15.53
C ASN C 94 -6.52 24.12 -14.59
N VAL C 95 -5.96 22.93 -14.63
CA VAL C 95 -6.35 21.82 -13.79
C VAL C 95 -5.10 21.42 -13.03
N LEU C 96 -5.26 21.07 -11.76
CA LEU C 96 -4.17 20.56 -10.95
C LEU C 96 -4.56 19.17 -10.48
N ILE C 97 -3.79 18.20 -10.94
CA ILE C 97 -4.01 16.81 -10.61
C ILE C 97 -3.09 16.43 -9.45
N GLY C 98 -3.71 16.19 -8.29
CA GLY C 98 -2.99 15.82 -7.10
C GLY C 98 -2.14 14.58 -7.33
N MET C 99 -0.94 14.61 -6.77
CA MET C 99 0.01 13.56 -6.92
C MET C 99 -0.61 12.21 -6.60
N GLY C 100 -0.12 11.23 -7.32
CA GLY C 100 -0.60 9.85 -7.20
C GLY C 100 -1.98 9.56 -7.76
N SER C 101 -2.60 10.49 -8.48
CA SER C 101 -3.95 10.23 -9.02
C SER C 101 -3.89 9.39 -10.31
N ILE C 102 -5.02 8.76 -10.62
CA ILE C 102 -5.19 7.97 -11.80
C ILE C 102 -6.50 8.39 -12.46
N ILE C 103 -6.42 8.78 -13.73
CA ILE C 103 -7.61 9.22 -14.49
C ILE C 103 -7.65 8.37 -15.75
N LEU C 104 -8.69 7.55 -15.86
CA LEU C 104 -8.79 6.56 -16.92
C LEU C 104 -9.45 7.03 -18.18
N ASP C 105 -9.50 6.12 -19.15
CA ASP C 105 -9.89 6.47 -20.50
C ASP C 105 -11.23 7.12 -20.65
N ASN C 106 -11.25 8.22 -21.38
CA ASN C 106 -12.49 8.90 -21.71
C ASN C 106 -13.07 9.71 -20.56
N ALA C 107 -12.34 9.80 -19.44
CA ALA C 107 -12.81 10.64 -18.37
C ALA C 107 -12.63 12.07 -18.85
N GLU C 108 -13.46 12.97 -18.34
CA GLU C 108 -13.36 14.36 -18.76
C GLU C 108 -13.34 15.28 -17.58
N ILE C 109 -12.25 16.03 -17.45
N ILE C 109 -12.23 16.01 -17.44
CA ILE C 109 -12.11 16.98 -16.38
CA ILE C 109 -12.06 16.98 -16.38
C ILE C 109 -12.23 18.38 -16.96
C ILE C 109 -12.24 18.37 -16.97
N GLY C 110 -13.09 19.17 -16.35
CA GLY C 110 -13.34 20.52 -16.82
C GLY C 110 -12.34 21.52 -16.30
N GLU C 111 -12.37 22.72 -16.91
CA GLU C 111 -11.50 23.82 -16.52
C GLU C 111 -11.57 24.21 -15.07
N TYR C 112 -10.40 24.58 -14.54
CA TYR C 112 -10.28 25.06 -13.17
C TYR C 112 -10.85 24.02 -12.19
N THR C 113 -10.23 22.85 -12.23
CA THR C 113 -10.61 21.74 -11.39
C THR C 113 -9.38 21.37 -10.57
N LEU C 114 -9.61 21.09 -9.29
CA LEU C 114 -8.57 20.71 -8.36
C LEU C 114 -8.85 19.30 -7.92
N ILE C 115 -7.83 18.44 -8.00
CA ILE C 115 -8.00 17.02 -7.69
C ILE C 115 -7.03 16.65 -6.61
N GLY C 116 -7.55 16.16 -5.48
CA GLY C 116 -6.71 15.81 -4.35
C GLY C 116 -5.79 14.64 -4.65
N ALA C 117 -4.71 14.56 -3.92
CA ALA C 117 -3.78 13.45 -4.06
C ALA C 117 -4.45 12.07 -3.98
N GLY C 118 -3.95 11.12 -4.75
CA GLY C 118 -4.44 9.72 -4.69
C GLY C 118 -5.84 9.44 -5.20
N THR C 119 -6.41 10.36 -5.99
CA THR C 119 -7.76 10.24 -6.53
C THR C 119 -7.79 9.22 -7.68
N LEU C 120 -8.84 8.41 -7.73
CA LEU C 120 -8.98 7.41 -8.77
C LEU C 120 -10.26 7.70 -9.49
N ILE C 121 -10.12 8.15 -10.72
CA ILE C 121 -11.25 8.43 -11.62
C ILE C 121 -11.26 7.38 -12.72
N THR C 122 -12.32 6.56 -12.74
CA THR C 122 -12.48 5.47 -13.71
C THR C 122 -12.94 5.99 -15.07
N SER C 123 -13.06 5.09 -16.04
CA SER C 123 -13.28 5.54 -17.40
C SER C 123 -14.63 6.17 -17.64
N ASN C 124 -14.69 7.03 -18.64
CA ASN C 124 -15.92 7.69 -19.04
C ASN C 124 -16.52 8.59 -17.98
N LYS C 125 -15.86 8.70 -16.82
CA LYS C 125 -16.42 9.51 -15.75
C LYS C 125 -16.27 10.96 -16.15
N LYS C 126 -17.31 11.77 -15.93
CA LYS C 126 -17.26 13.19 -16.32
C LYS C 126 -17.55 14.17 -15.20
N PHE C 127 -16.87 15.32 -15.24
CA PHE C 127 -17.00 16.33 -14.19
C PHE C 127 -17.15 17.73 -14.74
N PRO C 128 -17.93 18.57 -14.05
CA PRO C 128 -18.08 19.93 -14.52
C PRO C 128 -16.88 20.79 -14.08
N PRO C 129 -16.77 22.00 -14.64
CA PRO C 129 -15.69 22.89 -14.29
C PRO C 129 -15.81 23.49 -12.90
N GLY C 130 -14.73 24.06 -12.39
CA GLY C 130 -14.77 24.77 -11.12
C GLY C 130 -15.05 23.95 -9.88
N VAL C 131 -14.45 22.77 -9.78
CA VAL C 131 -14.72 21.94 -8.63
C VAL C 131 -13.49 21.34 -8.04
N LEU C 132 -13.71 20.75 -6.87
CA LEU C 132 -12.72 20.02 -6.12
C LEU C 132 -13.21 18.58 -6.16
N ILE C 133 -12.37 17.69 -6.69
CA ILE C 133 -12.69 16.27 -6.80
C ILE C 133 -11.71 15.53 -5.92
N MET C 134 -12.14 14.43 -5.32
CA MET C 134 -11.29 13.73 -4.39
C MET C 134 -11.78 12.31 -4.09
N GLY C 135 -10.86 11.41 -3.72
CA GLY C 135 -11.22 10.06 -3.36
C GLY C 135 -11.22 8.98 -4.40
N SER C 136 -11.55 7.77 -3.95
CA SER C 136 -11.57 6.62 -4.79
C SER C 136 -12.90 5.91 -4.51
N PRO C 137 -13.89 6.08 -5.37
CA PRO C 137 -13.86 6.78 -6.61
C PRO C 137 -13.96 8.28 -6.41
N GLY C 138 -13.35 9.02 -7.31
CA GLY C 138 -13.41 10.47 -7.22
C GLY C 138 -14.81 11.07 -7.33
N LYS C 139 -15.13 11.98 -6.40
CA LYS C 139 -16.41 12.67 -6.38
C LYS C 139 -16.16 14.13 -6.10
N VAL C 140 -17.10 14.95 -6.54
CA VAL C 140 -17.02 16.39 -6.28
C VAL C 140 -17.27 16.71 -4.78
N VAL C 141 -16.41 17.57 -4.21
CA VAL C 141 -16.51 17.97 -2.79
C VAL C 141 -17.18 19.32 -2.64
N ARG C 142 -16.81 20.28 -3.49
CA ARG C 142 -17.36 21.64 -3.47
C ARG C 142 -16.87 22.39 -4.67
N GLU C 143 -17.51 23.50 -4.98
CA GLU C 143 -17.05 24.32 -6.08
C GLU C 143 -15.81 25.06 -5.64
N LEU C 144 -15.01 25.51 -6.61
CA LEU C 144 -13.75 26.13 -6.35
C LEU C 144 -13.90 27.63 -6.10
N THR C 145 -13.12 28.17 -5.17
CA THR C 145 -13.14 29.61 -4.88
C THR C 145 -12.04 30.31 -5.70
N GLU C 146 -11.96 31.63 -5.58
CA GLU C 146 -10.92 32.42 -6.26
C GLU C 146 -9.57 32.08 -5.66
N GLU C 147 -9.54 31.88 -4.34
N GLU C 147 -9.54 31.87 -4.34
CA GLU C 147 -8.31 31.51 -3.64
CA GLU C 147 -8.29 31.51 -3.67
C GLU C 147 -7.81 30.18 -4.19
C GLU C 147 -7.80 30.17 -4.21
N ASP C 148 -8.76 29.30 -4.54
CA ASP C 148 -8.43 27.99 -5.08
C ASP C 148 -7.86 28.11 -6.47
N LYS C 149 -8.55 28.84 -7.33
CA LYS C 149 -8.11 28.97 -8.71
C LYS C 149 -6.71 29.62 -8.76
N LYS C 150 -6.47 30.53 -7.83
CA LYS C 150 -5.19 31.20 -7.71
C LYS C 150 -4.10 30.15 -7.46
N TYR C 151 -4.41 29.21 -6.56
CA TYR C 151 -3.48 28.15 -6.22
C TYR C 151 -3.09 27.36 -7.48
N ILE C 152 -4.07 27.18 -8.37
CA ILE C 152 -3.87 26.47 -9.61
C ILE C 152 -2.88 27.22 -10.48
N ASP C 153 -3.10 28.54 -10.58
CA ASP C 153 -2.22 29.37 -11.38
C ASP C 153 -0.82 29.43 -10.80
N GLU C 154 -0.69 29.59 -9.49
CA GLU C 154 0.63 29.66 -8.88
C GLU C 154 1.41 28.37 -9.07
N SER C 155 0.69 27.25 -9.11
CA SER C 155 1.33 25.96 -9.25
C SER C 155 2.04 25.80 -10.62
N TYR C 156 1.36 26.15 -11.72
CA TYR C 156 1.98 25.99 -13.03
C TYR C 156 3.02 27.08 -13.20
N GLU C 157 2.73 28.22 -12.63
CA GLU C 157 3.67 29.32 -12.72
C GLU C 157 4.98 28.97 -12.04
N TRP C 158 4.90 28.31 -10.89
CA TRP C 158 6.13 27.96 -10.20
C TRP C 158 6.95 27.06 -11.09
N TYR C 159 6.26 26.14 -11.75
CA TYR C 159 6.92 25.19 -12.65
C TYR C 159 7.57 25.85 -13.86
N LEU C 160 6.98 26.93 -14.36
CA LEU C 160 7.59 27.68 -15.46
C LEU C 160 8.97 28.13 -15.02
N GLU C 161 9.04 28.78 -13.87
CA GLU C 161 10.33 29.19 -13.29
C GLU C 161 11.27 28.00 -13.17
N ALA C 162 10.83 26.99 -12.44
CA ALA C 162 11.66 25.81 -12.17
C ALA C 162 12.22 25.17 -13.43
N ALA C 163 11.41 25.10 -14.47
CA ALA C 163 11.84 24.54 -15.74
C ALA C 163 13.02 25.39 -16.27
N GLN C 164 12.85 26.71 -16.24
CA GLN C 164 13.89 27.64 -16.71
C GLN C 164 15.19 27.44 -15.95
N ASN C 165 15.08 27.24 -14.65
CA ASN C 165 16.26 27.04 -13.81
C ASN C 165 16.95 25.70 -14.05
N GLN C 166 16.20 24.74 -14.61
CA GLN C 166 16.76 23.42 -14.98
C GLN C 166 17.34 23.49 -16.39
N LYS C 167 17.68 24.69 -16.83
CA LYS C 167 18.31 24.91 -18.13
C LYS C 167 19.33 26.04 -18.09
N TYR C 168 19.18 26.94 -17.09
CA TYR C 168 20.08 28.08 -16.93
C TYR C 168 20.41 28.34 -15.44
N SER D 1 -11.08 4.55 11.90
CA SER D 1 -11.07 3.34 11.05
C SER D 1 -11.54 3.57 9.62
N ASN D 2 -11.22 2.61 8.79
CA ASN D 2 -11.40 2.73 7.35
C ASN D 2 -11.47 1.33 6.72
N ALA D 3 -11.65 1.31 5.40
CA ALA D 3 -11.84 0.07 4.67
C ALA D 3 -10.73 -0.90 4.93
N MET D 4 -9.52 -0.36 4.98
CA MET D 4 -8.35 -1.23 5.10
C MET D 4 -8.15 -1.76 6.51
N ILE D 5 -8.54 -0.93 7.47
CA ILE D 5 -8.48 -1.31 8.90
C ILE D 5 -9.61 -2.32 9.18
N ARG D 6 -10.79 -2.07 8.65
CA ARG D 6 -11.87 -3.02 8.87
C ARG D 6 -11.46 -4.35 8.32
N ASP D 7 -10.78 -4.35 7.17
CA ASP D 7 -10.35 -5.64 6.64
C ASP D 7 -9.26 -6.31 7.51
N TYR D 8 -8.36 -5.50 8.03
CA TYR D 8 -7.28 -5.98 8.88
C TYR D 8 -7.84 -6.65 10.18
N LEU D 9 -8.71 -5.92 10.90
CA LEU D 9 -9.32 -6.40 12.18
C LEU D 9 -10.23 -7.62 11.99
N GLU D 10 -10.75 -7.78 10.77
N GLU D 10 -10.72 -7.77 10.77
CA GLU D 10 -11.56 -8.94 10.43
CA GLU D 10 -11.55 -8.89 10.38
C GLU D 10 -10.66 -10.16 10.27
C GLU D 10 -10.69 -10.14 10.22
N ASP D 11 -9.42 -9.94 9.86
CA ASP D 11 -8.47 -11.02 9.62
C ASP D 11 -7.49 -11.23 10.76
N LYS D 12 -7.21 -10.20 11.55
CA LYS D 12 -6.19 -10.37 12.58
C LYS D 12 -6.54 -9.91 13.97
N PRO D 13 -6.64 -10.88 14.87
CA PRO D 13 -6.93 -10.67 16.26
C PRO D 13 -5.90 -9.79 16.89
N LEU D 14 -6.36 -8.91 17.79
CA LEU D 14 -5.49 -8.05 18.59
C LEU D 14 -5.25 -8.77 19.94
N ILE D 15 -4.10 -9.39 20.09
CA ILE D 15 -3.85 -10.15 21.26
C ILE D 15 -2.70 -9.56 22.04
N ASP D 16 -2.95 -9.10 23.25
CA ASP D 16 -1.88 -8.55 24.05
C ASP D 16 -0.71 -9.53 24.04
N GLU D 17 0.51 -9.02 23.91
CA GLU D 17 1.70 -9.86 23.87
C GLU D 17 1.82 -10.73 25.10
N SER D 18 1.32 -10.26 26.24
CA SER D 18 1.40 -11.01 27.51
C SER D 18 0.50 -12.25 27.56
N VAL D 19 -0.46 -12.38 26.63
CA VAL D 19 -1.40 -13.50 26.57
C VAL D 19 -0.83 -14.83 26.11
N PHE D 20 -1.05 -15.89 26.88
CA PHE D 20 -0.66 -17.23 26.46
C PHE D 20 -1.75 -17.80 25.55
N VAL D 21 -1.35 -18.34 24.41
CA VAL D 21 -2.29 -19.00 23.54
C VAL D 21 -1.74 -20.34 23.15
N ALA D 22 -2.30 -21.41 23.69
CA ALA D 22 -1.85 -22.74 23.29
C ALA D 22 -1.80 -22.86 21.76
N LYS D 23 -0.80 -23.56 21.25
CA LYS D 23 -0.68 -23.76 19.81
C LYS D 23 -1.91 -24.45 19.22
N SER D 24 -2.54 -25.36 19.99
CA SER D 24 -3.73 -26.09 19.48
C SER D 24 -5.00 -25.25 19.48
N ALA D 25 -4.99 -24.11 20.15
CA ALA D 25 -6.14 -23.21 20.14
C ALA D 25 -6.21 -22.49 18.81
N ASP D 26 -7.42 -22.15 18.36
CA ASP D 26 -7.61 -21.34 17.16
C ASP D 26 -8.22 -20.01 17.60
N VAL D 27 -7.56 -18.90 17.29
CA VAL D 27 -8.11 -17.56 17.61
C VAL D 27 -8.27 -16.92 16.22
N ILE D 28 -9.50 -16.84 15.74
N ILE D 28 -9.51 -16.83 15.77
CA ILE D 28 -9.77 -16.38 14.39
CA ILE D 28 -9.85 -16.44 14.41
C ILE D 28 -10.63 -15.14 14.32
C ILE D 28 -10.71 -15.18 14.28
N GLY D 29 -10.35 -14.33 13.32
CA GLY D 29 -11.12 -13.15 13.00
C GLY D 29 -11.06 -11.94 13.90
N ASN D 30 -12.20 -11.31 14.09
CA ASN D 30 -12.30 -10.10 14.86
C ASN D 30 -12.36 -10.41 16.35
N VAL D 31 -11.19 -10.42 16.99
CA VAL D 31 -11.07 -10.76 18.39
C VAL D 31 -10.03 -9.89 19.10
N LYS D 32 -10.35 -9.46 20.32
N LYS D 32 -10.39 -9.37 20.27
CA LYS D 32 -9.47 -8.64 21.11
CA LYS D 32 -9.45 -8.65 21.15
C LYS D 32 -9.27 -9.34 22.47
C LYS D 32 -9.25 -9.50 22.40
N ILE D 33 -8.02 -9.60 22.84
CA ILE D 33 -7.69 -10.28 24.10
C ILE D 33 -6.69 -9.45 24.93
N GLY D 34 -7.10 -9.12 26.15
CA GLY D 34 -6.33 -8.24 27.04
C GLY D 34 -5.18 -8.86 27.79
N LYS D 35 -4.48 -8.00 28.56
N LYS D 35 -4.42 -8.02 28.50
CA LYS D 35 -3.30 -8.36 29.34
CA LYS D 35 -3.22 -8.49 29.17
C LYS D 35 -3.51 -9.58 30.25
C LYS D 35 -3.48 -9.57 30.20
N ASP D 36 -2.51 -10.47 30.28
CA ASP D 36 -2.54 -11.62 31.17
C ASP D 36 -3.73 -12.63 31.02
N SER D 37 -4.52 -12.52 29.95
CA SER D 37 -5.54 -13.52 29.68
C SER D 37 -4.88 -14.73 29.07
N SER D 38 -5.60 -15.82 28.85
CA SER D 38 -4.98 -17.01 28.33
C SER D 38 -5.98 -17.93 27.61
N ILE D 39 -5.56 -18.51 26.49
CA ILE D 39 -6.41 -19.39 25.69
C ILE D 39 -5.80 -20.78 25.70
N TRP D 40 -6.57 -21.74 26.20
CA TRP D 40 -6.06 -23.04 26.43
C TRP D 40 -6.27 -24.05 25.30
N TYR D 41 -5.68 -25.22 25.52
CA TYR D 41 -5.62 -26.26 24.50
C TYR D 41 -6.94 -26.50 23.78
N ASN D 42 -6.86 -26.44 22.47
CA ASN D 42 -8.01 -26.69 21.57
C ASN D 42 -9.24 -25.80 21.74
N ALA D 43 -9.10 -24.67 22.41
CA ALA D 43 -10.20 -23.76 22.45
C ALA D 43 -10.35 -23.10 21.05
N VAL D 44 -11.54 -22.61 20.72
CA VAL D 44 -11.77 -21.87 19.48
C VAL D 44 -12.46 -20.56 19.83
N VAL D 45 -11.78 -19.45 19.53
CA VAL D 45 -12.31 -18.10 19.72
C VAL D 45 -12.45 -17.52 18.31
N ARG D 46 -13.68 -17.48 17.81
CA ARG D 46 -13.94 -17.13 16.41
C ARG D 46 -14.87 -15.94 16.28
N GLY D 47 -14.33 -14.82 15.83
CA GLY D 47 -15.08 -13.58 15.66
C GLY D 47 -15.41 -13.28 14.20
N ASP D 48 -15.88 -14.29 13.46
CA ASP D 48 -16.21 -14.09 12.06
C ASP D 48 -17.62 -13.63 11.84
N GLU D 49 -18.47 -13.74 12.88
CA GLU D 49 -19.85 -13.29 12.83
C GLU D 49 -19.84 -12.07 13.74
N GLY D 50 -20.26 -12.19 14.98
CA GLY D 50 -20.12 -11.00 15.84
C GLY D 50 -18.67 -10.97 16.33
N PRO D 51 -18.12 -9.77 16.56
CA PRO D 51 -16.77 -9.61 17.09
C PRO D 51 -16.69 -10.05 18.57
N ILE D 52 -15.47 -10.26 19.05
CA ILE D 52 -15.25 -10.75 20.39
C ILE D 52 -14.24 -9.93 21.14
N THR D 53 -14.55 -9.72 22.41
CA THR D 53 -13.72 -9.02 23.34
C THR D 53 -13.56 -9.81 24.61
N ILE D 54 -12.32 -9.96 25.04
CA ILE D 54 -11.94 -10.65 26.25
C ILE D 54 -11.00 -9.69 26.99
N GLY D 55 -11.32 -9.36 28.23
CA GLY D 55 -10.51 -8.46 29.03
C GLY D 55 -9.21 -9.07 29.55
N GLU D 56 -8.82 -8.61 30.73
CA GLU D 56 -7.58 -9.00 31.35
C GLU D 56 -7.76 -10.08 32.39
N ASN D 57 -6.69 -10.84 32.61
CA ASN D 57 -6.67 -11.93 33.59
C ASN D 57 -7.74 -12.99 33.41
N THR D 58 -8.27 -13.10 32.19
CA THR D 58 -9.34 -14.05 31.89
C THR D 58 -8.81 -15.31 31.19
N ASN D 59 -9.36 -16.46 31.56
CA ASN D 59 -8.95 -17.70 30.98
C ASN D 59 -10.10 -18.38 30.26
N ILE D 60 -9.77 -18.89 29.05
CA ILE D 60 -10.70 -19.63 28.20
C ILE D 60 -10.12 -21.03 28.20
N GLN D 61 -10.68 -21.88 29.04
CA GLN D 61 -10.13 -23.21 29.22
C GLN D 61 -10.25 -24.09 27.99
N ASP D 62 -9.62 -25.24 28.08
CA ASP D 62 -9.51 -26.22 27.00
C ASP D 62 -10.83 -26.49 26.31
N CYS D 63 -10.79 -26.56 24.98
CA CYS D 63 -11.94 -26.84 24.08
C CYS D 63 -13.17 -25.94 24.24
N SER D 64 -13.04 -24.81 24.96
CA SER D 64 -14.14 -23.83 25.03
C SER D 64 -14.28 -23.19 23.63
N ILE D 65 -15.47 -22.68 23.36
CA ILE D 65 -15.76 -22.03 22.10
C ILE D 65 -16.41 -20.71 22.36
N VAL D 66 -15.93 -19.70 21.64
CA VAL D 66 -16.51 -18.36 21.65
C VAL D 66 -16.85 -18.03 20.19
N HIS D 67 -18.11 -17.68 19.99
CA HIS D 67 -18.65 -17.34 18.70
C HIS D 67 -19.96 -16.59 19.00
N GLY D 68 -20.62 -16.00 18.00
CA GLY D 68 -21.88 -15.28 18.29
C GLY D 68 -22.54 -14.62 17.12
N ASP D 69 -23.87 -14.56 17.12
CA ASP D 69 -24.59 -13.86 16.03
C ASP D 69 -24.31 -12.37 16.16
N THR D 70 -24.30 -11.94 17.41
CA THR D 70 -24.02 -10.56 17.79
C THR D 70 -22.73 -10.60 18.60
N GLU D 71 -22.25 -9.42 18.98
N GLU D 71 -22.27 -9.41 19.00
CA GLU D 71 -21.01 -9.29 19.74
CA GLU D 71 -21.04 -9.23 19.76
C GLU D 71 -20.99 -10.19 20.98
C GLU D 71 -20.98 -10.08 21.05
N THR D 72 -19.79 -10.62 21.37
CA THR D 72 -19.59 -11.39 22.59
C THR D 72 -18.58 -10.62 23.44
N ILE D 73 -18.94 -10.32 24.69
CA ILE D 73 -18.06 -9.55 25.58
C ILE D 73 -17.75 -10.32 26.85
N ILE D 74 -16.48 -10.55 27.10
CA ILE D 74 -16.08 -11.26 28.30
C ILE D 74 -15.17 -10.34 29.07
N GLY D 75 -15.53 -10.03 30.31
CA GLY D 75 -14.74 -9.06 31.08
C GLY D 75 -13.45 -9.58 31.66
N ASN D 76 -13.05 -8.95 32.74
CA ASN D 76 -11.82 -9.27 33.43
C ASN D 76 -11.94 -10.29 34.56
N ASN D 77 -10.83 -10.92 34.89
CA ASN D 77 -10.82 -11.89 35.96
C ASN D 77 -11.86 -12.98 35.78
N VAL D 78 -12.17 -13.35 34.53
CA VAL D 78 -13.19 -14.37 34.24
C VAL D 78 -12.57 -15.74 33.91
N THR D 79 -13.23 -16.78 34.42
CA THR D 79 -12.80 -18.15 34.25
C THR D 79 -13.84 -18.85 33.42
N VAL D 80 -13.45 -19.29 32.23
CA VAL D 80 -14.37 -19.99 31.36
C VAL D 80 -13.95 -21.46 31.38
N GLY D 81 -14.70 -22.21 32.15
CA GLY D 81 -14.44 -23.61 32.39
C GLY D 81 -14.35 -24.46 31.14
N HIS D 82 -13.64 -25.57 31.29
CA HIS D 82 -13.43 -26.50 30.20
C HIS D 82 -14.68 -26.72 29.34
N ARG D 83 -14.53 -26.72 28.01
CA ARG D 83 -15.66 -27.05 27.12
C ARG D 83 -16.93 -26.20 27.24
N SER D 84 -16.79 -24.94 27.62
CA SER D 84 -17.97 -24.10 27.69
C SER D 84 -18.19 -23.45 26.31
N ILE D 85 -19.42 -23.05 26.04
CA ILE D 85 -19.71 -22.30 24.87
C ILE D 85 -20.24 -20.97 25.36
N VAL D 86 -19.51 -19.91 25.03
CA VAL D 86 -19.87 -18.54 25.34
C VAL D 86 -20.24 -17.88 24.00
N HIS D 87 -21.55 -17.80 23.73
CA HIS D 87 -22.07 -17.45 22.42
C HIS D 87 -22.93 -16.18 22.34
N GLY D 88 -22.28 -15.07 22.01
CA GLY D 88 -22.94 -13.79 21.81
C GLY D 88 -23.59 -13.15 23.01
N CYS D 89 -23.03 -13.37 24.19
CA CYS D 89 -23.55 -12.81 25.43
C CYS D 89 -22.55 -11.87 26.07
N LYS D 90 -22.97 -11.22 27.16
CA LYS D 90 -22.11 -10.33 27.93
C LYS D 90 -21.80 -10.98 29.29
N ILE D 91 -20.52 -11.25 29.54
CA ILE D 91 -20.09 -11.81 30.81
C ILE D 91 -19.34 -10.70 31.56
N SER D 92 -19.87 -10.29 32.70
CA SER D 92 -19.23 -9.22 33.50
C SER D 92 -17.94 -9.70 34.14
N ASP D 93 -17.31 -8.85 34.95
CA ASP D 93 -16.06 -9.19 35.64
C ASP D 93 -16.24 -10.19 36.79
N ASN D 94 -15.16 -10.92 37.10
CA ASN D 94 -15.14 -11.88 38.21
C ASN D 94 -16.26 -12.93 38.17
N VAL D 95 -16.42 -13.55 37.02
CA VAL D 95 -17.40 -14.60 36.82
C VAL D 95 -16.67 -15.91 36.56
N LEU D 96 -17.21 -16.99 37.10
CA LEU D 96 -16.66 -18.30 36.87
C LEU D 96 -17.77 -19.12 36.27
N ILE D 97 -17.50 -19.58 35.06
CA ILE D 97 -18.43 -20.35 34.28
C ILE D 97 -17.98 -21.80 34.39
N GLY D 98 -18.82 -22.58 35.04
CA GLY D 98 -18.58 -23.96 35.28
C GLY D 98 -18.42 -24.70 33.98
N MET D 99 -17.47 -25.62 33.99
CA MET D 99 -17.12 -26.38 32.83
C MET D 99 -18.36 -26.94 32.17
N GLY D 100 -18.29 -26.97 30.85
CA GLY D 100 -19.37 -27.51 30.05
C GLY D 100 -20.65 -26.70 29.97
N SER D 101 -20.67 -25.46 30.43
CA SER D 101 -21.90 -24.63 30.32
C SER D 101 -22.08 -24.04 28.90
N ILE D 102 -23.28 -23.54 28.63
CA ILE D 102 -23.60 -22.90 27.38
C ILE D 102 -24.41 -21.68 27.73
N ILE D 103 -23.95 -20.53 27.25
CA ILE D 103 -24.61 -19.25 27.50
C ILE D 103 -24.84 -18.64 26.10
N LEU D 104 -26.11 -18.52 25.75
CA LEU D 104 -26.51 -18.10 24.39
C LEU D 104 -26.70 -16.60 24.22
N ASP D 105 -26.98 -16.20 23.00
CA ASP D 105 -26.98 -14.80 22.63
C ASP D 105 -27.82 -13.86 23.44
N ASN D 106 -27.19 -12.75 23.79
CA ASN D 106 -27.83 -11.66 24.52
C ASN D 106 -28.06 -11.97 26.01
N ALA D 107 -27.45 -13.00 26.57
CA ALA D 107 -27.61 -13.25 27.98
C ALA D 107 -26.64 -12.32 28.73
N GLU D 108 -27.01 -11.89 29.92
CA GLU D 108 -26.12 -11.04 30.69
C GLU D 108 -25.89 -11.70 32.04
N ILE D 109 -24.62 -11.89 32.36
CA ILE D 109 -24.20 -12.51 33.58
C ILE D 109 -23.49 -11.41 34.34
N GLY D 110 -24.01 -11.11 35.53
CA GLY D 110 -23.48 -10.05 36.35
C GLY D 110 -22.22 -10.42 37.08
N GLU D 111 -21.59 -9.40 37.62
CA GLU D 111 -20.32 -9.47 38.32
C GLU D 111 -20.38 -10.37 39.55
N TYR D 112 -19.25 -11.05 39.84
CA TYR D 112 -19.19 -12.02 40.95
C TYR D 112 -20.38 -13.05 40.87
N THR D 113 -20.35 -13.83 39.81
CA THR D 113 -21.34 -14.86 39.58
C THR D 113 -20.62 -16.17 39.42
N LEU D 114 -21.17 -17.19 40.05
CA LEU D 114 -20.65 -18.53 39.97
C LEU D 114 -21.67 -19.36 39.22
N ILE D 115 -21.23 -20.03 38.17
CA ILE D 115 -22.12 -20.86 37.37
C ILE D 115 -21.65 -22.31 37.43
N GLY D 116 -22.53 -23.19 37.85
CA GLY D 116 -22.21 -24.59 38.05
C GLY D 116 -21.95 -25.30 36.73
N ALA D 117 -21.16 -26.35 36.80
CA ALA D 117 -20.88 -27.15 35.63
C ALA D 117 -22.17 -27.53 34.86
N GLY D 118 -22.08 -27.53 33.53
CA GLY D 118 -23.16 -28.01 32.65
C GLY D 118 -24.47 -27.20 32.58
N THR D 119 -24.39 -25.92 32.93
CA THR D 119 -25.54 -25.05 32.93
C THR D 119 -25.92 -24.57 31.51
N LEU D 120 -27.21 -24.45 31.21
CA LEU D 120 -27.65 -23.98 29.90
C LEU D 120 -28.43 -22.73 30.16
N ILE D 121 -27.91 -21.63 29.64
CA ILE D 121 -28.56 -20.33 29.74
C ILE D 121 -28.90 -19.93 28.33
N THR D 122 -30.20 -19.85 28.06
CA THR D 122 -30.71 -19.57 26.70
C THR D 122 -30.69 -18.07 26.43
N SER D 123 -31.02 -17.68 25.20
CA SER D 123 -30.84 -16.30 24.80
C SER D 123 -31.61 -15.26 25.59
N ASN D 124 -31.07 -14.05 25.64
CA ASN D 124 -31.73 -12.94 26.31
C ASN D 124 -31.96 -13.07 27.81
N LYS D 125 -31.44 -14.11 28.46
CA LYS D 125 -31.69 -14.26 29.89
C LYS D 125 -30.78 -13.36 30.67
N LYS D 126 -31.29 -12.69 31.69
CA LYS D 126 -30.48 -11.80 32.51
C LYS D 126 -30.47 -12.28 33.95
N PHE D 127 -29.35 -12.08 34.61
CA PHE D 127 -29.20 -12.46 35.99
C PHE D 127 -28.50 -11.33 36.76
N PRO D 128 -28.87 -11.13 38.02
CA PRO D 128 -28.23 -10.08 38.80
C PRO D 128 -26.86 -10.51 39.30
N PRO D 129 -26.08 -9.58 39.80
CA PRO D 129 -24.76 -9.98 40.29
C PRO D 129 -24.79 -10.74 41.64
N GLY D 130 -23.65 -11.30 42.03
CA GLY D 130 -23.51 -11.98 43.33
C GLY D 130 -24.39 -13.19 43.58
N VAL D 131 -24.49 -14.06 42.58
CA VAL D 131 -25.33 -15.23 42.69
C VAL D 131 -24.70 -16.50 42.16
N LEU D 132 -25.32 -17.60 42.56
CA LEU D 132 -24.98 -18.93 42.10
C LEU D 132 -26.08 -19.31 41.14
N ILE D 133 -25.71 -19.60 39.91
CA ILE D 133 -26.65 -20.00 38.88
C ILE D 133 -26.34 -21.44 38.51
N MET D 134 -27.37 -22.22 38.22
CA MET D 134 -27.13 -23.63 38.03
C MET D 134 -28.27 -24.34 37.28
N GLY D 135 -27.94 -25.39 36.53
CA GLY D 135 -28.98 -26.20 35.85
C GLY D 135 -29.39 -25.85 34.44
N SER D 136 -30.31 -26.67 33.91
CA SER D 136 -30.82 -26.51 32.56
C SER D 136 -32.32 -26.58 32.64
N PRO D 137 -32.98 -25.44 32.57
CA PRO D 137 -32.43 -24.11 32.34
C PRO D 137 -31.80 -23.53 33.59
N GLY D 138 -30.78 -22.71 33.39
CA GLY D 138 -30.09 -22.08 34.48
C GLY D 138 -30.99 -21.16 35.28
N LYS D 139 -30.97 -21.35 36.60
CA LYS D 139 -31.70 -20.50 37.53
C LYS D 139 -30.85 -20.14 38.75
N VAL D 140 -31.17 -19.02 39.37
CA VAL D 140 -30.47 -18.62 40.56
C VAL D 140 -30.79 -19.53 41.77
N VAL D 141 -29.75 -19.95 42.47
CA VAL D 141 -29.87 -20.82 43.63
C VAL D 141 -29.84 -20.05 44.92
N ARG D 142 -28.93 -19.07 44.99
CA ARG D 142 -28.68 -18.28 46.17
C ARG D 142 -27.67 -17.20 45.80
N GLU D 143 -27.37 -16.33 46.76
CA GLU D 143 -26.40 -15.28 46.57
C GLU D 143 -25.05 -15.77 47.07
N LEU D 144 -23.97 -15.18 46.55
CA LEU D 144 -22.64 -15.61 46.92
C LEU D 144 -22.18 -15.08 48.23
N THR D 145 -21.33 -15.88 48.88
CA THR D 145 -20.70 -15.52 50.14
C THR D 145 -19.31 -14.97 49.83
N GLU D 146 -18.73 -14.29 50.81
CA GLU D 146 -17.40 -13.81 50.63
C GLU D 146 -16.54 -15.01 50.20
N GLU D 147 -16.74 -16.18 50.83
CA GLU D 147 -15.98 -17.41 50.48
C GLU D 147 -16.12 -17.78 49.03
N ASP D 148 -17.33 -17.67 48.49
CA ASP D 148 -17.57 -17.98 47.08
C ASP D 148 -16.84 -17.00 46.19
N LYS D 149 -16.84 -15.73 46.59
CA LYS D 149 -16.20 -14.70 45.77
C LYS D 149 -14.68 -14.83 45.77
N LYS D 150 -14.13 -15.19 46.93
CA LYS D 150 -12.70 -15.47 47.03
C LYS D 150 -12.36 -16.67 46.13
N TYR D 151 -13.28 -17.64 46.07
CA TYR D 151 -13.06 -18.83 45.23
C TYR D 151 -12.87 -18.42 43.77
N ILE D 152 -13.66 -17.42 43.37
CA ILE D 152 -13.63 -16.88 42.02
C ILE D 152 -12.29 -16.26 41.76
N ASP D 153 -11.85 -15.44 42.70
CA ASP D 153 -10.58 -14.79 42.55
C ASP D 153 -9.48 -15.82 42.40
N GLU D 154 -9.35 -16.69 43.39
CA GLU D 154 -8.31 -17.71 43.36
C GLU D 154 -8.29 -18.51 42.07
N SER D 155 -9.43 -18.63 41.42
CA SER D 155 -9.48 -19.38 40.16
C SER D 155 -8.71 -18.66 39.04
N TYR D 156 -8.99 -17.37 38.85
CA TYR D 156 -8.32 -16.67 37.76
C TYR D 156 -6.87 -16.42 38.11
N GLU D 157 -6.62 -16.27 39.40
CA GLU D 157 -5.25 -16.08 39.87
C GLU D 157 -4.45 -17.35 39.61
N TRP D 158 -5.06 -18.51 39.81
CA TRP D 158 -4.35 -19.74 39.53
C TRP D 158 -3.98 -19.77 38.06
N TYR D 159 -4.92 -19.30 37.22
CA TYR D 159 -4.70 -19.29 35.76
C TYR D 159 -3.59 -18.28 35.29
N LEU D 160 -3.44 -17.17 35.98
CA LEU D 160 -2.34 -16.26 35.67
C LEU D 160 -1.00 -17.01 35.82
N GLU D 161 -0.81 -17.59 36.99
CA GLU D 161 0.39 -18.34 37.26
C GLU D 161 0.59 -19.49 36.25
N ALA D 162 -0.47 -20.22 35.96
CA ALA D 162 -0.35 -21.39 35.03
C ALA D 162 0.03 -20.98 33.62
N ALA D 163 -0.51 -19.85 33.15
CA ALA D 163 -0.19 -19.35 31.84
C ALA D 163 1.28 -18.93 31.85
N GLN D 164 1.73 -18.29 32.92
CA GLN D 164 3.14 -17.92 33.02
C GLN D 164 4.03 -19.13 32.85
N ASN D 165 3.72 -20.18 33.59
CA ASN D 165 4.50 -21.40 33.50
C ASN D 165 4.38 -22.09 32.15
N GLN D 166 3.33 -21.76 31.40
CA GLN D 166 3.13 -22.35 30.09
C GLN D 166 3.86 -21.56 29.01
N LYS D 167 4.51 -20.47 29.44
CA LYS D 167 5.34 -19.66 28.56
C LYS D 167 6.81 -19.74 29.01
N TYR D 168 7.01 -19.97 30.30
CA TYR D 168 8.35 -20.01 30.89
C TYR D 168 8.50 -21.14 31.91
MG MG E . 14.98 6.21 -15.23
NI NI F . 10.38 -4.92 -1.51
NI NI G . 5.82 18.32 -5.12
NI NI H . -1.94 2.06 -21.07
MG MG I . -6.66 -29.35 17.65
NI NI J . -22.13 -19.65 16.60
#